data_3KRO
#
_entry.id   3KRO
#
_cell.length_a   53.441
_cell.length_b   108.701
_cell.length_c   182.278
_cell.angle_alpha   90.00
_cell.angle_beta   90.00
_cell.angle_gamma   90.00
#
_symmetry.space_group_name_H-M   'P 21 21 21'
#
loop_
_entity.id
_entity.type
_entity.pdbx_description
1 polymer 'Geranyl diphosphate synthase large subunit'
2 polymer 'Geranyl diphosphate synthase small subunit'
3 non-polymer '3-METHYLBUT-3-ENYL TRIHYDROGEN DIPHOSPHATE'
4 non-polymer PYROPHOSPHATE
5 non-polymer 'MAGNESIUM ION'
6 non-polymer 1,2-ETHANEDIOL
7 non-polymer 'DIMETHYLALLYL S-THIOLODIPHOSPHATE'
8 water water
#
loop_
_entity_poly.entity_id
_entity_poly.type
_entity_poly.pdbx_seq_one_letter_code
_entity_poly.pdbx_strand_id
1 'polypeptide(L)'
;MFDFDGYMLRKAKSVNKALEAAVQMKEPLKIHESMRYSLLAGGKRVRPMLCIAACELVGGDESTAMPAACAVEMIHTMSL
MHDDLPCMDNDDLRRGKPTNHMAFGESVAVLAGDALLSFAFEHVAAATKGAPPERIVRVLGELAVSIGSEGLVAGQVVDV
CSEGMAEVGLDHLEFIHHHKTAALLQGSVVLGAILGGGKEEEVAKLRKFANCIGLLFQVVDDILDVTKSSKELGKTAGKD
LVADKTTYPKLIGVEKSKEFADRLNREAQEQLLHFHPHRAAPLIALANYIAYRDN
;
A,D
2 'polypeptide(L)'
;MQPYWAAIEADIERYLKKSITIRPPETVFGPMHHLTFAAPATAASTLCLAACELVGGDRSQAMAAAAAIHLVHAAAYVHE
HLPLTDGSRPVSKPAIQHKYGPNVELLTGDGIVPFGFELLAGSVDPARTDDPDRILRVIIEISRAGGPEGMISGLHREEE
IVDGNTSLDFIEYVCKKKYGEMHACGAACGAILGGAAEEEIQKLRNFGLYQGTLRGMMEMKNSHQLIDENIIGKLKELAL
EELGGFHGKNAELMSSLVAEPSLYAAHHHHHHHH
;
B,C
#
loop_
_chem_comp.id
_chem_comp.type
_chem_comp.name
_chem_comp.formula
DST non-polymer 'DIMETHYLALLYL S-THIOLODIPHOSPHATE' 'C5 H12 O6 P2 S'
EDO non-polymer 1,2-ETHANEDIOL 'C2 H6 O2'
IPE non-polymer '3-METHYLBUT-3-ENYL TRIHYDROGEN DIPHOSPHATE' 'C5 H12 O7 P2'
MG non-polymer 'MAGNESIUM ION' 'Mg 2'
PPV non-polymer PYROPHOSPHATE 'H4 O7 P2'
#
# COMPACT_ATOMS: atom_id res chain seq x y z
N MET A 1 36.32 3.40 -31.25
CA MET A 1 35.74 2.06 -31.00
C MET A 1 34.78 1.58 -32.09
N PHE A 2 34.53 0.27 -32.11
CA PHE A 2 33.59 -0.22 -33.08
C PHE A 2 32.18 -0.14 -32.44
N ASP A 3 31.20 0.27 -33.23
CA ASP A 3 29.81 0.32 -32.77
C ASP A 3 29.50 1.06 -31.44
N PHE A 4 29.73 2.37 -31.45
CA PHE A 4 29.45 3.20 -30.32
C PHE A 4 27.95 3.27 -30.11
N ASP A 5 27.16 3.33 -31.21
CA ASP A 5 25.69 3.36 -31.09
C ASP A 5 25.16 2.11 -30.42
N GLY A 6 25.70 0.95 -30.85
CA GLY A 6 25.24 -0.29 -30.25
C GLY A 6 25.54 -0.31 -28.75
N TYR A 7 26.71 0.19 -28.38
CA TYR A 7 27.15 0.22 -27.00
C TYR A 7 26.20 1.10 -26.14
N MET A 8 25.84 2.29 -26.67
CA MET A 8 24.90 3.19 -25.96
C MET A 8 23.52 2.57 -25.84
N LEU A 9 23.10 1.91 -26.91
CA LEU A 9 21.80 1.30 -26.91
C LEU A 9 21.72 0.14 -25.90
N ARG A 10 22.79 -0.64 -25.77
CA ARG A 10 22.78 -1.76 -24.81
C ARG A 10 22.69 -1.19 -23.41
N LYS A 11 23.49 -0.16 -23.13
CA LYS A 11 23.43 0.50 -21.82
C LYS A 11 22.05 1.10 -21.56
N ALA A 12 21.45 1.74 -22.55
CA ALA A 12 20.10 2.30 -22.28
C ALA A 12 19.04 1.21 -21.99
N LYS A 13 19.21 0.06 -22.64
CA LYS A 13 18.29 -1.04 -22.46
C LYS A 13 18.37 -1.55 -21.03
N SER A 14 19.60 -1.82 -20.54
CA SER A 14 19.79 -2.27 -19.17
C SER A 14 19.23 -1.26 -18.19
N VAL A 15 19.52 0.02 -18.43
CA VAL A 15 19.04 1.06 -17.58
C VAL A 15 17.52 1.13 -17.61
N ASN A 16 16.95 1.10 -18.80
CA ASN A 16 15.50 1.13 -18.86
C ASN A 16 14.83 -0.01 -18.07
N LYS A 17 15.41 -1.20 -18.12
CA LYS A 17 14.84 -2.29 -17.41
C LYS A 17 14.95 -2.04 -15.95
N ALA A 18 16.10 -1.53 -15.51
CA ALA A 18 16.25 -1.27 -14.07
C ALA A 18 15.31 -0.10 -13.60
N LEU A 19 15.14 0.91 -14.43
CA LEU A 19 14.23 2.00 -14.00
C LEU A 19 12.86 1.45 -13.76
N GLU A 20 12.33 0.75 -14.76
CA GLU A 20 11.00 0.13 -14.73
C GLU A 20 10.83 -0.71 -13.45
N ALA A 21 11.83 -1.51 -13.12
CA ALA A 21 11.72 -2.27 -11.92
C ALA A 21 11.81 -1.43 -10.64
N ALA A 22 12.57 -0.35 -10.63
CA ALA A 22 12.70 0.42 -9.39
C ALA A 22 11.50 1.31 -9.07
N VAL A 23 10.76 1.74 -10.07
CA VAL A 23 9.64 2.67 -9.82
C VAL A 23 8.42 2.05 -10.42
N GLN A 24 7.76 1.18 -9.63
CA GLN A 24 6.58 0.43 -10.05
C GLN A 24 5.35 1.25 -9.76
N MET A 25 4.29 0.99 -10.48
CA MET A 25 3.04 1.64 -10.14
C MET A 25 2.62 1.08 -8.73
N LYS A 26 2.18 1.97 -7.83
CA LYS A 26 1.67 1.65 -6.53
C LYS A 26 0.93 2.85 -5.96
N GLU A 27 0.23 2.63 -4.88
CA GLU A 27 -0.53 3.69 -4.20
C GLU A 27 0.41 4.65 -3.55
N PRO A 28 0.16 5.97 -3.71
CA PRO A 28 -0.94 6.64 -4.44
C PRO A 28 -0.60 6.55 -5.95
N LEU A 29 -1.52 5.98 -6.69
CA LEU A 29 -1.34 5.72 -8.12
C LEU A 29 -0.98 6.91 -8.98
N LYS A 30 -1.62 8.07 -8.72
CA LYS A 30 -1.33 9.24 -9.53
C LYS A 30 0.10 9.69 -9.32
N ILE A 31 0.61 9.62 -8.11
CA ILE A 31 1.97 10.07 -7.88
C ILE A 31 2.93 9.18 -8.70
N HIS A 32 2.75 7.88 -8.58
CA HIS A 32 3.63 6.94 -9.26
C HIS A 32 3.44 6.93 -10.74
N GLU A 33 2.20 7.11 -11.19
CA GLU A 33 1.99 7.16 -12.63
C GLU A 33 2.77 8.33 -13.20
N SER A 34 2.73 9.46 -12.49
CA SER A 34 3.44 10.67 -12.92
C SER A 34 4.96 10.46 -12.90
N MET A 35 5.45 9.83 -11.85
CA MET A 35 6.89 9.55 -11.85
C MET A 35 7.33 8.76 -13.10
N ARG A 36 6.64 7.66 -13.41
CA ARG A 36 7.00 6.77 -14.54
C ARG A 36 6.80 7.41 -15.88
N TYR A 37 5.78 8.27 -16.00
CA TYR A 37 5.43 9.00 -17.22
C TYR A 37 6.65 9.70 -17.79
N SER A 38 7.33 10.47 -16.94
CA SER A 38 8.52 11.15 -17.35
C SER A 38 9.78 10.31 -17.27
N LEU A 39 9.93 9.45 -16.25
CA LEU A 39 11.16 8.63 -16.09
C LEU A 39 11.32 7.56 -17.19
N LEU A 40 10.19 7.00 -17.56
CA LEU A 40 10.31 5.91 -18.51
C LEU A 40 9.99 6.26 -19.93
N ALA A 41 9.97 7.52 -20.25
CA ALA A 41 9.63 7.95 -21.60
C ALA A 41 10.73 7.68 -22.63
N GLY A 42 11.89 7.24 -22.20
CA GLY A 42 12.92 6.98 -23.19
C GLY A 42 13.78 8.20 -23.50
N GLY A 43 15.03 7.92 -23.87
CA GLY A 43 15.96 8.97 -24.17
C GLY A 43 17.28 8.24 -24.27
N LYS A 44 18.38 8.98 -24.39
CA LYS A 44 19.69 8.36 -24.56
C LYS A 44 20.29 7.71 -23.33
N ARG A 45 19.80 8.13 -22.17
CA ARG A 45 20.27 7.63 -20.89
C ARG A 45 21.77 7.86 -20.76
N VAL A 46 22.26 9.01 -21.26
CA VAL A 46 23.69 9.39 -21.19
C VAL A 46 24.24 9.43 -19.74
N ARG A 47 23.48 9.97 -18.79
CA ARG A 47 23.93 10.04 -17.40
C ARG A 47 24.17 8.64 -16.82
N PRO A 48 23.18 7.72 -16.96
CA PRO A 48 23.34 6.35 -16.46
C PRO A 48 24.56 5.74 -17.14
N MET A 49 24.72 5.96 -18.46
CA MET A 49 25.84 5.38 -19.19
C MET A 49 27.16 5.90 -18.60
N LEU A 50 27.25 7.18 -18.36
CA LEU A 50 28.46 7.77 -17.77
C LEU A 50 28.84 7.10 -16.42
N CYS A 51 27.84 6.87 -15.58
CA CYS A 51 28.05 6.24 -14.29
C CYS A 51 28.60 4.80 -14.47
N ILE A 52 27.88 4.01 -15.28
CA ILE A 52 28.27 2.64 -15.53
C ILE A 52 29.66 2.56 -16.15
N ALA A 53 29.86 3.32 -17.25
CA ALA A 53 31.14 3.39 -17.95
C ALA A 53 32.27 3.79 -16.99
N ALA A 54 32.01 4.75 -16.11
CA ALA A 54 33.04 5.21 -15.16
C ALA A 54 33.32 4.11 -14.14
N CYS A 55 32.29 3.41 -13.69
CA CYS A 55 32.49 2.33 -12.77
C CYS A 55 33.31 1.22 -13.44
N GLU A 56 32.90 0.81 -14.64
CA GLU A 56 33.63 -0.26 -15.30
C GLU A 56 35.05 0.18 -15.69
N LEU A 57 35.25 1.45 -15.98
CA LEU A 57 36.56 1.94 -16.35
C LEU A 57 37.65 1.63 -15.28
N VAL A 58 37.30 1.73 -14.01
CA VAL A 58 38.24 1.48 -12.95
C VAL A 58 38.16 0.04 -12.42
N GLY A 59 37.56 -0.86 -13.17
CA GLY A 59 37.50 -2.24 -12.70
C GLY A 59 36.23 -2.71 -12.02
N GLY A 60 35.31 -1.81 -11.71
CA GLY A 60 34.06 -2.22 -11.05
C GLY A 60 33.10 -2.84 -12.04
N ASP A 61 31.90 -3.25 -11.60
CA ASP A 61 30.95 -3.81 -12.58
C ASP A 61 29.67 -3.03 -12.62
N GLU A 62 28.94 -3.21 -13.70
CA GLU A 62 27.69 -2.53 -13.92
C GLU A 62 26.69 -2.78 -12.81
N SER A 63 26.70 -3.97 -12.26
CA SER A 63 25.76 -4.28 -11.21
C SER A 63 25.85 -3.33 -10.01
N THR A 64 27.07 -3.10 -9.56
CA THR A 64 27.25 -2.21 -8.44
C THR A 64 26.86 -0.78 -8.72
N ALA A 65 27.01 -0.37 -9.97
CA ALA A 65 26.70 1.01 -10.28
C ALA A 65 25.27 1.29 -10.74
N MET A 66 24.45 0.27 -10.95
CA MET A 66 23.15 0.49 -11.53
C MET A 66 22.20 1.36 -10.68
N PRO A 67 22.14 1.14 -9.36
CA PRO A 67 21.24 1.96 -8.53
C PRO A 67 21.61 3.42 -8.71
N ALA A 68 22.91 3.71 -8.60
CA ALA A 68 23.38 5.05 -8.84
C ALA A 68 23.07 5.54 -10.30
N ALA A 69 23.25 4.68 -11.30
CA ALA A 69 23.00 5.09 -12.69
C ALA A 69 21.53 5.52 -12.79
N CYS A 70 20.65 4.77 -12.13
CA CYS A 70 19.23 5.03 -12.15
C CYS A 70 18.95 6.30 -11.36
N ALA A 71 19.71 6.51 -10.29
CA ALA A 71 19.42 7.71 -9.43
C ALA A 71 19.71 8.98 -10.24
N VAL A 72 20.83 8.98 -10.99
CA VAL A 72 21.13 10.23 -11.77
C VAL A 72 20.11 10.54 -12.85
N GLU A 73 19.51 9.50 -13.43
CA GLU A 73 18.46 9.63 -14.43
C GLU A 73 17.15 10.12 -13.76
N MET A 74 16.94 9.67 -12.52
CA MET A 74 15.80 10.08 -11.71
C MET A 74 15.84 11.61 -11.47
N ILE A 75 17.02 12.08 -11.07
CA ILE A 75 17.23 13.52 -10.83
C ILE A 75 17.05 14.30 -12.15
N HIS A 76 17.70 13.80 -13.21
CA HIS A 76 17.62 14.46 -14.50
C HIS A 76 16.15 14.58 -14.88
N THR A 77 15.42 13.48 -14.72
CA THR A 77 14.03 13.47 -15.05
C THR A 77 13.20 14.47 -14.28
N MET A 78 13.34 14.52 -12.94
CA MET A 78 12.54 15.50 -12.22
C MET A 78 13.03 16.93 -12.46
N SER A 79 14.29 17.11 -12.86
CA SER A 79 14.72 18.48 -13.14
C SER A 79 13.92 18.99 -14.38
N LEU A 80 13.67 18.10 -15.34
CA LEU A 80 12.92 18.52 -16.52
C LEU A 80 11.43 18.67 -16.22
N MET A 81 10.88 17.81 -15.33
CA MET A 81 9.44 17.90 -15.00
C MET A 81 9.14 19.23 -14.33
N HIS A 82 10.06 19.66 -13.48
CA HIS A 82 9.91 20.90 -12.75
C HIS A 82 10.17 22.08 -13.69
N ASP A 83 11.16 21.93 -14.54
CA ASP A 83 11.53 22.95 -15.48
C ASP A 83 10.40 23.28 -16.49
N ASP A 84 9.66 22.28 -16.93
CA ASP A 84 8.55 22.47 -17.87
C ASP A 84 7.34 23.19 -17.24
N LEU A 85 7.35 23.31 -15.93
CA LEU A 85 6.24 23.89 -15.22
C LEU A 85 5.91 25.31 -15.68
N PRO A 86 4.62 25.69 -15.58
CA PRO A 86 4.11 27.00 -15.96
C PRO A 86 4.92 28.15 -15.34
N CYS A 87 5.16 28.08 -14.03
CA CYS A 87 5.93 29.13 -13.40
C CYS A 87 7.34 29.12 -13.94
N MET A 88 7.74 28.00 -14.56
CA MET A 88 9.08 27.91 -15.13
C MET A 88 9.00 28.23 -16.61
N ASP A 89 9.43 27.29 -17.46
CA ASP A 89 9.42 27.51 -18.90
C ASP A 89 8.03 27.32 -19.55
N ASN A 90 7.03 27.03 -18.73
CA ASN A 90 5.68 26.79 -19.19
C ASN A 90 5.55 26.02 -20.51
N ASP A 91 6.09 24.81 -20.52
CA ASP A 91 6.03 24.00 -21.73
C ASP A 91 4.82 23.06 -21.75
N ASP A 92 4.21 22.85 -22.92
CA ASP A 92 3.07 21.97 -23.09
C ASP A 92 3.52 20.68 -23.71
N LEU A 93 4.69 20.72 -24.33
CA LEU A 93 5.24 19.53 -24.94
C LEU A 93 6.71 19.28 -24.55
N ARG A 94 7.20 18.12 -24.95
CA ARG A 94 8.58 17.68 -24.72
C ARG A 94 8.73 16.32 -25.43
N ARG A 95 9.59 16.27 -26.45
CA ARG A 95 9.76 15.03 -27.19
C ARG A 95 8.42 14.71 -27.88
N GLY A 96 7.63 15.75 -28.21
CA GLY A 96 6.36 15.54 -28.86
C GLY A 96 5.14 15.22 -27.99
N LYS A 97 5.35 14.69 -26.79
CA LYS A 97 4.24 14.35 -25.87
C LYS A 97 3.95 15.42 -24.80
N PRO A 98 2.68 15.52 -24.39
CA PRO A 98 2.29 16.49 -23.37
C PRO A 98 3.27 16.48 -22.17
N THR A 99 3.49 17.64 -21.57
CA THR A 99 4.40 17.73 -20.45
C THR A 99 3.66 17.13 -19.25
N ASN A 100 4.44 16.76 -18.23
CA ASN A 100 3.87 16.11 -17.05
C ASN A 100 2.73 16.84 -16.35
N HIS A 101 2.86 18.12 -16.09
CA HIS A 101 1.78 18.78 -15.38
C HIS A 101 0.49 18.95 -16.23
N MET A 102 0.59 18.75 -17.53
CA MET A 102 -0.55 18.87 -18.43
C MET A 102 -1.28 17.52 -18.36
N ALA A 103 -0.50 16.46 -18.17
CA ALA A 103 -1.10 15.16 -18.09
C ALA A 103 -1.69 14.90 -16.72
N PHE A 104 -1.02 15.32 -15.67
CA PHE A 104 -1.48 15.02 -14.32
C PHE A 104 -1.86 16.18 -13.46
N GLY A 105 -1.65 17.41 -13.96
CA GLY A 105 -1.94 18.56 -13.12
C GLY A 105 -0.62 19.05 -12.49
N GLU A 106 -0.62 20.33 -12.13
CA GLU A 106 0.56 20.91 -11.58
C GLU A 106 0.95 20.33 -10.21
N SER A 107 -0.07 20.06 -9.39
CA SER A 107 0.22 19.59 -8.04
C SER A 107 0.99 18.28 -8.05
N VAL A 108 0.48 17.35 -8.85
CA VAL A 108 1.08 16.02 -8.98
C VAL A 108 2.45 16.12 -9.59
N ALA A 109 2.59 16.99 -10.60
CA ALA A 109 3.88 17.14 -11.25
C ALA A 109 4.89 17.63 -10.25
N VAL A 110 4.49 18.56 -9.42
CA VAL A 110 5.47 19.01 -8.45
C VAL A 110 5.83 17.84 -7.50
N LEU A 111 4.81 17.22 -6.86
CA LEU A 111 5.05 16.15 -5.92
C LEU A 111 5.79 14.94 -6.50
N ALA A 112 5.42 14.59 -7.72
CA ALA A 112 6.01 13.45 -8.37
C ALA A 112 7.45 13.76 -8.60
N GLY A 113 7.74 15.03 -8.96
CA GLY A 113 9.14 15.42 -9.13
C GLY A 113 9.89 15.33 -7.79
N ASP A 114 9.29 15.81 -6.71
CA ASP A 114 9.91 15.70 -5.39
C ASP A 114 10.17 14.22 -5.03
N ALA A 115 9.23 13.34 -5.40
CA ALA A 115 9.36 11.94 -5.07
C ALA A 115 10.56 11.30 -5.78
N LEU A 116 10.82 11.66 -7.04
CA LEU A 116 11.97 11.12 -7.76
C LEU A 116 13.27 11.57 -7.11
N LEU A 117 13.31 12.81 -6.61
CA LEU A 117 14.49 13.37 -5.95
C LEU A 117 14.82 12.63 -4.65
N SER A 118 13.83 12.42 -3.80
CA SER A 118 14.13 11.69 -2.58
C SER A 118 14.34 10.21 -2.86
N PHE A 119 13.61 9.66 -3.86
CA PHE A 119 13.79 8.24 -4.15
C PHE A 119 15.20 7.98 -4.71
N ALA A 120 15.79 8.93 -5.45
CA ALA A 120 17.11 8.77 -5.98
C ALA A 120 18.06 8.43 -4.84
N PHE A 121 17.90 9.16 -3.76
CA PHE A 121 18.77 8.95 -2.59
C PHE A 121 18.51 7.64 -1.94
N GLU A 122 17.22 7.37 -1.75
CA GLU A 122 16.82 6.12 -1.14
C GLU A 122 17.36 4.92 -1.88
N HIS A 123 17.20 4.94 -3.19
CA HIS A 123 17.55 3.83 -4.01
C HIS A 123 19.08 3.54 -3.99
N VAL A 124 19.89 4.58 -4.11
CA VAL A 124 21.31 4.46 -4.07
C VAL A 124 21.70 3.94 -2.70
N ALA A 125 21.14 4.54 -1.65
CA ALA A 125 21.47 4.13 -0.26
C ALA A 125 21.06 2.71 0.09
N ALA A 126 19.88 2.31 -0.35
CA ALA A 126 19.41 1.00 0.03
C ALA A 126 19.69 -0.14 -0.96
N ALA A 127 19.78 0.16 -2.26
CA ALA A 127 19.96 -0.92 -3.23
C ALA A 127 21.35 -1.17 -3.66
N THR A 128 22.30 -0.30 -3.33
CA THR A 128 23.68 -0.52 -3.74
C THR A 128 24.35 -1.74 -3.00
N LYS A 129 24.81 -2.71 -3.74
CA LYS A 129 25.47 -3.87 -3.15
C LYS A 129 26.83 -3.87 -3.74
N GLY A 130 27.81 -4.41 -3.02
CA GLY A 130 29.16 -4.48 -3.57
C GLY A 130 30.07 -3.31 -3.29
N ALA A 131 29.68 -2.50 -2.30
CA ALA A 131 30.43 -1.33 -1.92
C ALA A 131 30.27 -1.15 -0.42
N PRO A 132 31.35 -0.74 0.26
CA PRO A 132 31.26 -0.53 1.71
C PRO A 132 30.46 0.72 1.99
N PRO A 133 29.81 0.78 3.15
CA PRO A 133 28.98 1.87 3.69
C PRO A 133 29.56 3.32 3.57
N GLU A 134 30.83 3.47 3.91
CA GLU A 134 31.39 4.82 3.84
C GLU A 134 31.52 5.27 2.39
N ARG A 135 31.70 4.32 1.50
CA ARG A 135 31.80 4.61 0.09
C ARG A 135 30.37 4.99 -0.43
N ILE A 136 29.35 4.27 0.01
CA ILE A 136 28.01 4.60 -0.46
C ILE A 136 27.62 5.96 0.09
N VAL A 137 28.01 6.26 1.36
CA VAL A 137 27.67 7.55 1.92
C VAL A 137 28.46 8.64 1.20
N ARG A 138 29.71 8.35 0.85
CA ARG A 138 30.47 9.37 0.14
C ARG A 138 29.76 9.74 -1.20
N VAL A 139 29.34 8.68 -1.90
CA VAL A 139 28.69 8.78 -3.16
C VAL A 139 27.38 9.54 -2.96
N LEU A 140 26.68 9.31 -1.86
CA LEU A 140 25.43 10.06 -1.65
C LEU A 140 25.78 11.55 -1.54
N GLY A 141 26.91 11.80 -0.86
CA GLY A 141 27.39 13.14 -0.69
C GLY A 141 27.66 13.82 -2.02
N GLU A 142 28.41 13.16 -2.91
CA GLU A 142 28.69 13.76 -4.25
C GLU A 142 27.38 14.00 -5.06
N LEU A 143 26.40 13.10 -4.94
CA LEU A 143 25.16 13.33 -5.67
C LEU A 143 24.45 14.63 -5.17
N ALA A 144 24.39 14.80 -3.85
CA ALA A 144 23.69 16.00 -3.34
C ALA A 144 24.45 17.27 -3.78
N VAL A 145 25.77 17.23 -3.67
CA VAL A 145 26.60 18.35 -4.06
C VAL A 145 26.48 18.60 -5.58
N SER A 146 26.24 17.58 -6.38
CA SER A 146 26.15 17.85 -7.80
C SER A 146 24.77 18.39 -8.24
N ILE A 147 23.79 18.24 -7.39
CA ILE A 147 22.48 18.69 -7.83
C ILE A 147 21.90 19.83 -7.01
N GLY A 148 22.64 20.26 -6.00
CA GLY A 148 22.15 21.32 -5.13
C GLY A 148 22.54 22.74 -5.50
N SER A 149 22.57 23.61 -4.50
CA SER A 149 22.89 25.03 -4.63
C SER A 149 24.26 25.36 -5.18
N GLU A 150 25.14 24.35 -5.29
CA GLU A 150 26.45 24.52 -5.88
C GLU A 150 26.54 23.58 -7.15
N GLY A 151 25.37 23.22 -7.70
CA GLY A 151 25.28 22.33 -8.84
C GLY A 151 24.01 22.60 -9.68
N LEU A 152 23.26 21.55 -10.05
CA LEU A 152 22.06 21.72 -10.87
C LEU A 152 21.12 22.85 -10.51
N VAL A 153 20.66 22.86 -9.28
CA VAL A 153 19.69 23.88 -8.91
C VAL A 153 20.24 25.32 -9.10
N ALA A 154 21.53 25.51 -8.77
CA ALA A 154 22.17 26.81 -8.90
C ALA A 154 22.05 27.25 -10.37
N GLY A 155 22.32 26.32 -11.27
CA GLY A 155 22.24 26.63 -12.68
C GLY A 155 20.79 26.91 -13.04
N GLN A 156 19.84 26.21 -12.42
CA GLN A 156 18.45 26.45 -12.76
C GLN A 156 17.99 27.85 -12.28
N VAL A 157 18.37 28.22 -11.06
CA VAL A 157 17.99 29.53 -10.51
C VAL A 157 18.62 30.67 -11.32
N VAL A 158 19.95 30.68 -11.41
CA VAL A 158 20.64 31.73 -12.15
C VAL A 158 20.14 31.89 -13.57
N ASP A 159 19.79 30.79 -14.23
CA ASP A 159 19.31 30.83 -15.62
C ASP A 159 17.98 31.57 -15.66
N VAL A 160 17.08 31.23 -14.75
CA VAL A 160 15.78 31.87 -14.70
C VAL A 160 15.93 33.32 -14.17
N CYS A 161 17.02 33.56 -13.46
CA CYS A 161 17.29 34.89 -12.91
C CYS A 161 18.13 35.74 -13.89
N SER A 162 18.27 35.27 -15.13
CA SER A 162 19.04 35.98 -16.14
C SER A 162 18.26 36.25 -17.43
N GLU A 163 16.99 35.91 -17.43
CA GLU A 163 16.12 36.14 -18.57
C GLU A 163 15.51 37.53 -18.47
N GLY A 164 16.26 38.45 -17.85
CA GLY A 164 15.80 39.83 -17.71
C GLY A 164 16.76 40.84 -18.32
N MET A 165 18.06 40.57 -18.16
CA MET A 165 19.13 41.41 -18.68
C MET A 165 19.90 40.61 -19.71
N ALA A 166 19.65 40.88 -20.99
CA ALA A 166 20.32 40.15 -22.06
C ALA A 166 21.86 40.40 -22.09
N GLU A 167 22.35 41.25 -21.19
CA GLU A 167 23.80 41.56 -21.12
C GLU A 167 24.56 40.57 -20.23
N VAL A 168 24.71 39.34 -20.74
CA VAL A 168 25.43 38.28 -20.03
C VAL A 168 26.77 38.00 -20.69
N GLY A 169 27.85 38.00 -19.90
CA GLY A 169 29.18 37.75 -20.45
C GLY A 169 29.54 36.28 -20.56
N LEU A 170 30.75 35.94 -20.99
CA LEU A 170 31.14 34.55 -21.14
C LEU A 170 31.16 33.77 -19.80
N ASP A 171 31.61 34.45 -18.77
CA ASP A 171 31.74 33.87 -17.45
C ASP A 171 30.38 33.46 -16.94
N HIS A 172 29.43 34.38 -17.02
CA HIS A 172 28.07 34.13 -16.59
C HIS A 172 27.46 32.91 -17.36
N LEU A 173 27.50 32.98 -18.69
CA LEU A 173 27.00 31.91 -19.53
C LEU A 173 27.69 30.57 -19.18
N GLU A 174 29.00 30.59 -18.94
CA GLU A 174 29.65 29.35 -18.57
C GLU A 174 29.21 28.83 -17.19
N PHE A 175 28.91 29.75 -16.27
CA PHE A 175 28.41 29.35 -14.94
C PHE A 175 27.17 28.51 -15.10
N ILE A 176 26.20 29.06 -15.82
CA ILE A 176 24.96 28.38 -16.07
C ILE A 176 25.14 27.02 -16.74
N HIS A 177 25.87 26.99 -17.85
CA HIS A 177 26.08 25.72 -18.51
C HIS A 177 26.80 24.72 -17.60
N HIS A 178 27.81 25.19 -16.87
CA HIS A 178 28.52 24.26 -16.01
C HIS A 178 27.60 23.65 -14.93
N HIS A 179 26.74 24.49 -14.37
CA HIS A 179 25.83 24.07 -13.32
C HIS A 179 24.64 23.28 -13.80
N LYS A 180 24.01 23.79 -14.83
CA LYS A 180 22.81 23.19 -15.37
C LYS A 180 23.12 21.90 -16.14
N THR A 181 24.34 21.74 -16.64
CA THR A 181 24.65 20.52 -17.38
C THR A 181 25.88 19.70 -16.87
N ALA A 182 27.01 20.35 -16.68
CA ALA A 182 28.16 19.57 -16.32
C ALA A 182 28.14 18.97 -14.90
N ALA A 183 27.49 19.69 -13.99
CA ALA A 183 27.45 19.26 -12.58
C ALA A 183 26.82 17.86 -12.45
N LEU A 184 25.65 17.67 -13.07
CA LEU A 184 25.04 16.35 -12.97
C LEU A 184 25.85 15.30 -13.77
N LEU A 185 26.54 15.67 -14.87
CA LEU A 185 27.38 14.67 -15.57
C LEU A 185 28.59 14.33 -14.69
N GLN A 186 29.08 15.32 -13.97
CA GLN A 186 30.22 15.12 -13.14
C GLN A 186 29.77 14.19 -12.01
N GLY A 187 28.58 14.46 -11.51
CA GLY A 187 28.05 13.56 -10.49
C GLY A 187 27.96 12.10 -10.96
N SER A 188 27.56 11.87 -12.21
CA SER A 188 27.39 10.51 -12.69
C SER A 188 28.68 9.77 -12.78
N VAL A 189 29.69 10.44 -13.29
CA VAL A 189 30.96 9.82 -13.48
C VAL A 189 31.67 9.65 -12.13
N VAL A 190 31.40 10.53 -11.16
CA VAL A 190 32.07 10.41 -9.86
C VAL A 190 31.40 9.28 -9.11
N LEU A 191 30.06 9.20 -9.17
CA LEU A 191 29.39 8.09 -8.48
C LEU A 191 29.96 6.75 -9.01
N GLY A 192 30.06 6.60 -10.32
CA GLY A 192 30.56 5.35 -10.86
C GLY A 192 32.02 5.08 -10.53
N ALA A 193 32.89 6.08 -10.62
CA ALA A 193 34.32 5.89 -10.33
C ALA A 193 34.54 5.45 -8.92
N ILE A 194 33.89 6.15 -7.97
CA ILE A 194 33.99 5.80 -6.56
C ILE A 194 33.44 4.40 -6.33
N LEU A 195 32.17 4.16 -6.71
CA LEU A 195 31.63 2.83 -6.47
C LEU A 195 32.48 1.75 -7.07
N GLY A 196 33.18 2.03 -8.17
CA GLY A 196 33.99 1.03 -8.79
C GLY A 196 35.33 0.74 -8.10
N GLY A 197 35.70 1.56 -7.10
CA GLY A 197 36.95 1.37 -6.42
C GLY A 197 38.09 2.22 -6.98
N GLY A 198 37.76 3.27 -7.72
CA GLY A 198 38.83 4.09 -8.27
C GLY A 198 39.59 4.94 -7.26
N LYS A 199 40.90 5.07 -7.44
CA LYS A 199 41.75 5.89 -6.57
C LYS A 199 41.31 7.35 -6.72
N GLU A 200 41.73 8.22 -5.80
CA GLU A 200 41.35 9.62 -5.85
C GLU A 200 41.82 10.35 -7.12
N GLU A 201 42.99 9.97 -7.61
CA GLU A 201 43.59 10.52 -8.81
C GLU A 201 42.73 10.17 -10.03
N GLU A 202 42.24 8.93 -10.08
CA GLU A 202 41.35 8.47 -11.18
C GLU A 202 40.06 9.28 -11.04
N VAL A 203 39.52 9.32 -9.84
CA VAL A 203 38.31 10.10 -9.63
C VAL A 203 38.47 11.55 -10.12
N ALA A 204 39.62 12.20 -9.84
CA ALA A 204 39.81 13.61 -10.25
C ALA A 204 39.88 13.76 -11.77
N LYS A 205 40.56 12.83 -12.44
CA LYS A 205 40.57 12.88 -13.90
C LYS A 205 39.19 12.69 -14.53
N LEU A 206 38.29 11.94 -13.87
CA LEU A 206 36.96 11.72 -14.44
C LEU A 206 36.11 12.95 -14.24
N ARG A 207 36.32 13.63 -13.11
CA ARG A 207 35.56 14.84 -12.84
C ARG A 207 35.89 15.87 -13.92
N LYS A 208 37.17 15.98 -14.25
CA LYS A 208 37.61 16.90 -15.33
C LYS A 208 37.02 16.49 -16.69
N PHE A 209 37.12 15.19 -17.02
CA PHE A 209 36.53 14.64 -18.26
C PHE A 209 35.08 15.13 -18.32
N ALA A 210 34.28 14.86 -17.29
CA ALA A 210 32.85 15.28 -17.37
C ALA A 210 32.60 16.78 -17.50
N ASN A 211 33.37 17.59 -16.78
CA ASN A 211 33.17 19.04 -16.84
C ASN A 211 33.51 19.52 -18.27
N CYS A 212 34.48 18.89 -18.92
CA CYS A 212 34.83 19.28 -20.29
C CYS A 212 33.72 18.88 -21.24
N ILE A 213 33.24 17.63 -21.15
CA ILE A 213 32.20 17.23 -22.07
C ILE A 213 30.90 17.91 -21.69
N GLY A 214 30.76 18.30 -20.45
CA GLY A 214 29.52 18.97 -20.08
C GLY A 214 29.46 20.30 -20.81
N LEU A 215 30.56 21.04 -20.77
CA LEU A 215 30.57 22.31 -21.45
C LEU A 215 30.61 22.07 -22.97
N LEU A 216 31.37 21.07 -23.40
CA LEU A 216 31.41 20.76 -24.84
C LEU A 216 30.02 20.66 -25.48
N PHE A 217 29.10 20.06 -24.75
CA PHE A 217 27.76 19.88 -25.24
C PHE A 217 27.03 21.18 -25.56
N GLN A 218 27.09 22.15 -24.65
CA GLN A 218 26.39 23.45 -24.85
C GLN A 218 27.06 24.32 -25.95
N VAL A 219 28.38 24.20 -26.04
CA VAL A 219 29.08 24.94 -27.05
C VAL A 219 28.64 24.38 -28.40
N VAL A 220 28.83 23.08 -28.62
CA VAL A 220 28.46 22.45 -29.90
C VAL A 220 26.98 22.73 -30.22
N ASP A 221 26.14 22.65 -29.22
CA ASP A 221 24.73 22.94 -29.43
C ASP A 221 24.56 24.36 -29.96
N ASP A 222 25.33 25.33 -29.47
CA ASP A 222 25.18 26.69 -29.99
C ASP A 222 25.70 26.82 -31.42
N ILE A 223 26.81 26.13 -31.71
CA ILE A 223 27.37 26.20 -33.05
C ILE A 223 26.35 25.63 -34.03
N LEU A 224 25.67 24.57 -33.59
CA LEU A 224 24.66 23.93 -34.44
C LEU A 224 23.48 24.83 -34.74
N ASP A 225 22.97 25.55 -33.73
CA ASP A 225 21.82 26.39 -33.98
C ASP A 225 22.15 27.46 -34.99
N VAL A 226 23.45 27.75 -35.13
CA VAL A 226 23.88 28.80 -36.03
C VAL A 226 24.17 28.33 -37.45
N THR A 227 24.79 27.17 -37.58
CA THR A 227 25.14 26.62 -38.87
C THR A 227 24.05 25.69 -39.41
N LYS A 228 22.81 25.96 -39.00
CA LYS A 228 21.66 25.16 -39.43
C LYS A 228 21.18 25.67 -40.79
N LYS A 245 19.55 37.78 -25.10
CA LYS A 245 19.96 36.36 -25.42
C LYS A 245 21.48 36.22 -25.54
N THR A 246 22.02 35.06 -25.21
CA THR A 246 23.46 34.93 -25.30
C THR A 246 23.84 33.54 -25.73
N THR A 247 24.91 33.44 -26.51
CA THR A 247 25.38 32.16 -27.00
C THR A 247 26.90 32.23 -27.22
N TYR A 248 27.57 31.10 -27.34
CA TYR A 248 28.98 31.18 -27.60
C TYR A 248 29.28 31.93 -28.91
N PRO A 249 28.47 31.74 -29.97
CA PRO A 249 28.78 32.50 -31.20
C PRO A 249 28.58 34.02 -31.03
N LYS A 250 27.66 34.43 -30.18
CA LYS A 250 27.44 35.87 -29.99
C LYS A 250 28.46 36.47 -29.07
N LEU A 251 29.15 35.63 -28.35
CA LEU A 251 30.15 36.13 -27.44
C LEU A 251 31.54 36.06 -28.05
N ILE A 252 31.83 35.00 -28.79
CA ILE A 252 33.18 34.84 -29.34
C ILE A 252 33.25 34.42 -30.80
N GLY A 253 32.08 34.35 -31.44
CA GLY A 253 32.03 33.94 -32.85
C GLY A 253 32.09 32.42 -32.98
N VAL A 254 31.61 31.93 -34.13
CA VAL A 254 31.58 30.52 -34.41
C VAL A 254 33.01 30.00 -34.54
N GLU A 255 33.89 30.75 -35.18
CA GLU A 255 35.25 30.25 -35.37
C GLU A 255 35.86 29.87 -34.02
N LYS A 256 35.76 30.79 -33.08
CA LYS A 256 36.31 30.60 -31.76
C LYS A 256 35.47 29.61 -30.96
N SER A 257 34.16 29.55 -31.23
CA SER A 257 33.35 28.59 -30.54
C SER A 257 33.78 27.18 -30.96
N LYS A 258 34.14 27.02 -32.22
CA LYS A 258 34.58 25.73 -32.71
C LYS A 258 35.97 25.36 -32.17
N GLU A 259 36.83 26.37 -32.01
CA GLU A 259 38.16 26.09 -31.52
C GLU A 259 38.04 25.65 -30.09
N PHE A 260 37.16 26.33 -29.36
CA PHE A 260 36.91 26.03 -27.97
C PHE A 260 36.34 24.61 -27.84
N ALA A 261 35.43 24.23 -28.72
CA ALA A 261 34.83 22.91 -28.66
C ALA A 261 35.93 21.90 -28.85
N ASP A 262 36.80 22.17 -29.82
CA ASP A 262 37.89 21.23 -30.07
C ASP A 262 38.82 21.12 -28.88
N ARG A 263 39.15 22.23 -28.26
CA ARG A 263 40.02 22.18 -27.06
C ARG A 263 39.32 21.40 -25.91
N LEU A 264 38.01 21.56 -25.76
CA LEU A 264 37.27 20.84 -24.72
C LEU A 264 37.37 19.28 -24.92
N ASN A 265 37.23 18.88 -26.18
CA ASN A 265 37.25 17.49 -26.58
C ASN A 265 38.64 16.92 -26.34
N ARG A 266 39.66 17.67 -26.72
CA ARG A 266 41.02 17.20 -26.53
C ARG A 266 41.37 17.06 -25.06
N GLU A 267 40.95 18.02 -24.22
CA GLU A 267 41.27 17.96 -22.78
C GLU A 267 40.50 16.77 -22.15
N ALA A 268 39.24 16.61 -22.52
CA ALA A 268 38.44 15.49 -22.06
C ALA A 268 39.20 14.21 -22.33
N GLN A 269 39.59 14.00 -23.57
CA GLN A 269 40.28 12.78 -23.93
C GLN A 269 41.64 12.63 -23.23
N GLU A 270 42.27 13.76 -22.96
CA GLU A 270 43.54 13.76 -22.28
C GLU A 270 43.40 13.12 -20.90
N GLN A 271 42.26 13.30 -20.26
CA GLN A 271 42.04 12.74 -18.93
C GLN A 271 42.01 11.23 -18.90
N LEU A 272 41.63 10.62 -20.03
CA LEU A 272 41.51 9.17 -20.14
C LEU A 272 42.75 8.44 -20.59
N LEU A 273 43.82 9.20 -20.82
CA LEU A 273 45.08 8.63 -21.34
C LEU A 273 45.68 7.51 -20.57
N HIS A 274 45.62 7.58 -19.25
CA HIS A 274 46.25 6.51 -18.49
C HIS A 274 45.43 5.34 -18.01
N PHE A 275 44.19 5.24 -18.48
CA PHE A 275 43.34 4.11 -18.11
C PHE A 275 43.43 3.03 -19.16
N HIS A 276 42.80 1.89 -18.93
CA HIS A 276 42.87 0.84 -19.93
C HIS A 276 42.17 1.38 -21.15
N PRO A 277 42.87 1.34 -22.29
CA PRO A 277 42.41 1.82 -23.59
C PRO A 277 41.05 1.25 -23.97
N HIS A 278 40.88 -0.02 -23.65
CA HIS A 278 39.65 -0.74 -23.98
C HIS A 278 38.49 -0.30 -23.12
N ARG A 279 38.78 0.08 -21.88
CA ARG A 279 37.71 0.49 -21.00
C ARG A 279 37.48 1.97 -21.21
N ALA A 280 38.49 2.65 -21.71
CA ALA A 280 38.36 4.08 -21.91
C ALA A 280 37.64 4.39 -23.22
N ALA A 281 37.70 3.42 -24.15
CA ALA A 281 37.16 3.61 -25.49
C ALA A 281 35.76 4.20 -25.56
N PRO A 282 34.82 3.70 -24.74
CA PRO A 282 33.43 4.23 -24.79
C PRO A 282 33.31 5.71 -24.38
N LEU A 283 34.16 6.13 -23.44
CA LEU A 283 34.12 7.52 -22.99
C LEU A 283 34.78 8.38 -24.04
N ILE A 284 35.83 7.83 -24.63
CA ILE A 284 36.52 8.58 -25.66
C ILE A 284 35.55 8.74 -26.82
N ALA A 285 34.80 7.68 -27.12
CA ALA A 285 33.84 7.66 -28.24
C ALA A 285 32.63 8.66 -28.04
N LEU A 286 32.18 8.78 -26.80
CA LEU A 286 31.08 9.69 -26.43
C LEU A 286 31.57 11.15 -26.54
N ALA A 287 32.82 11.42 -26.13
CA ALA A 287 33.37 12.78 -26.27
C ALA A 287 33.36 13.14 -27.76
N ASN A 288 33.91 12.25 -28.61
CA ASN A 288 33.92 12.56 -30.04
C ASN A 288 32.49 12.70 -30.54
N TYR A 289 31.59 11.86 -30.02
CA TYR A 289 30.20 11.97 -30.50
C TYR A 289 29.56 13.32 -30.15
N ILE A 290 29.75 13.78 -28.93
CA ILE A 290 29.16 15.07 -28.56
C ILE A 290 29.77 16.20 -29.40
N ALA A 291 31.07 16.10 -29.68
CA ALA A 291 31.75 17.13 -30.44
C ALA A 291 31.39 17.17 -31.89
N TYR A 292 31.20 16.00 -32.53
CA TYR A 292 30.95 16.03 -33.98
C TYR A 292 29.52 15.83 -34.46
N ARG A 293 28.63 15.48 -33.57
CA ARG A 293 27.25 15.26 -33.93
C ARG A 293 26.67 16.33 -34.87
N ASP A 294 25.77 15.91 -35.76
CA ASP A 294 25.17 16.85 -36.70
C ASP A 294 23.96 17.60 -36.16
N ASN A 295 23.26 17.00 -35.19
CA ASN A 295 22.12 17.63 -34.52
C ASN A 295 22.15 17.26 -33.01
N MET B 1 10.42 20.18 30.40
CA MET B 1 9.21 20.32 29.54
C MET B 1 9.07 21.75 28.98
N GLN B 2 10.00 22.64 29.36
CA GLN B 2 9.94 24.03 28.88
C GLN B 2 11.29 24.51 28.28
N PRO B 3 12.31 24.80 29.11
CA PRO B 3 13.62 25.25 28.58
C PRO B 3 14.39 24.21 27.74
N TYR B 4 14.25 22.93 28.05
CA TYR B 4 14.92 21.84 27.31
C TYR B 4 14.54 21.84 25.82
N TRP B 5 13.23 21.77 25.57
CA TRP B 5 12.67 21.77 24.21
C TRP B 5 13.02 23.05 23.44
N ALA B 6 13.08 24.15 24.16
CA ALA B 6 13.40 25.42 23.55
C ALA B 6 14.83 25.38 23.04
N ALA B 7 15.76 25.05 23.93
CA ALA B 7 17.19 25.00 23.60
C ALA B 7 17.45 24.09 22.38
N ILE B 8 16.68 23.01 22.27
CA ILE B 8 16.90 22.13 21.14
C ILE B 8 16.59 22.88 19.86
N GLU B 9 15.47 23.58 19.82
CA GLU B 9 15.14 24.30 18.60
C GLU B 9 16.18 25.34 18.26
N ALA B 10 16.73 25.97 19.30
CA ALA B 10 17.78 26.95 19.14
C ALA B 10 19.07 26.34 18.60
N ASP B 11 19.46 25.19 19.15
CA ASP B 11 20.69 24.58 18.64
C ASP B 11 20.52 24.15 17.17
N ILE B 12 19.37 23.60 16.83
CA ILE B 12 19.17 23.16 15.44
C ILE B 12 19.26 24.41 14.58
N GLU B 13 18.65 25.50 15.01
CA GLU B 13 18.67 26.72 14.23
C GLU B 13 20.08 27.26 14.08
N ARG B 14 20.75 27.42 15.18
CA ARG B 14 22.15 27.89 15.21
C ARG B 14 22.96 27.04 14.19
N TYR B 15 22.74 25.74 14.16
CA TYR B 15 23.48 24.84 13.24
C TYR B 15 23.14 25.08 11.74
N LEU B 16 21.88 25.35 11.43
CA LEU B 16 21.43 25.59 10.07
C LEU B 16 22.00 26.90 9.54
N LYS B 17 21.92 27.95 10.35
CA LYS B 17 22.48 29.29 10.03
C LYS B 17 23.99 29.19 9.85
N LYS B 18 24.60 28.25 10.55
CA LYS B 18 26.03 28.11 10.40
C LYS B 18 26.30 27.41 9.09
N SER B 19 25.43 26.47 8.69
CA SER B 19 25.61 25.71 7.45
C SER B 19 25.12 26.42 6.18
N ILE B 20 24.19 27.35 6.33
CA ILE B 20 23.64 28.04 5.17
C ILE B 20 24.02 29.51 5.21
N THR B 21 25.19 29.81 4.64
CA THR B 21 25.72 31.20 4.55
C THR B 21 25.31 31.89 3.26
N ILE B 22 24.56 32.98 3.36
CA ILE B 22 24.18 33.71 2.16
C ILE B 22 25.48 34.21 1.57
N ARG B 23 25.71 33.92 0.30
CA ARG B 23 26.94 34.31 -0.38
C ARG B 23 26.70 34.32 -1.91
N PRO B 24 27.76 34.56 -2.67
CA PRO B 24 27.58 34.58 -4.14
C PRO B 24 27.37 33.19 -4.77
N PRO B 25 26.33 33.04 -5.64
CA PRO B 25 25.35 34.07 -6.03
C PRO B 25 24.19 34.18 -5.08
N GLU B 26 24.02 35.36 -4.56
CA GLU B 26 22.95 35.63 -3.62
C GLU B 26 21.61 35.28 -4.24
N THR B 27 21.58 35.19 -5.55
CA THR B 27 20.33 34.87 -6.21
C THR B 27 19.83 33.42 -5.87
N VAL B 28 20.78 32.58 -5.53
CA VAL B 28 20.56 31.19 -5.17
C VAL B 28 20.49 31.11 -3.63
N PHE B 29 21.52 31.60 -2.95
CA PHE B 29 21.54 31.54 -1.50
C PHE B 29 20.58 32.48 -0.69
N GLY B 30 20.16 33.58 -1.29
CA GLY B 30 19.23 34.46 -0.60
C GLY B 30 17.96 33.67 -0.35
N PRO B 31 17.32 33.15 -1.44
CA PRO B 31 16.08 32.37 -1.28
C PRO B 31 16.33 31.11 -0.43
N MET B 32 17.47 30.46 -0.62
CA MET B 32 17.78 29.26 0.17
C MET B 32 17.76 29.52 1.68
N HIS B 33 18.37 30.61 2.10
CA HIS B 33 18.40 30.92 3.53
C HIS B 33 16.97 31.32 3.96
N HIS B 34 16.40 32.30 3.27
CA HIS B 34 15.06 32.72 3.63
C HIS B 34 14.09 31.56 3.84
N LEU B 35 13.85 30.80 2.78
CA LEU B 35 12.90 29.71 2.82
C LEU B 35 13.19 28.61 3.86
N THR B 36 14.46 28.35 4.13
CA THR B 36 14.78 27.36 5.14
C THR B 36 14.33 27.79 6.53
N PHE B 37 14.50 29.08 6.85
CA PHE B 37 14.11 29.59 8.16
C PHE B 37 12.69 30.16 8.19
N ALA B 38 12.07 30.38 7.03
CA ALA B 38 10.70 30.91 6.99
C ALA B 38 9.73 29.77 7.23
N ALA B 39 10.24 28.54 7.10
CA ALA B 39 9.43 27.34 7.33
C ALA B 39 9.24 27.10 8.83
N PRO B 40 7.99 26.87 9.28
CA PRO B 40 7.81 26.64 10.72
C PRO B 40 8.58 25.41 11.10
N ALA B 41 9.28 25.44 12.22
CA ALA B 41 10.07 24.29 12.68
C ALA B 41 9.15 23.08 12.79
N THR B 42 9.71 21.87 12.81
CA THR B 42 8.88 20.67 12.92
C THR B 42 9.42 19.88 14.08
N ALA B 43 8.50 19.34 14.86
CA ALA B 43 8.87 18.55 16.03
C ALA B 43 9.62 17.29 15.66
N ALA B 44 9.56 16.86 14.40
CA ALA B 44 10.33 15.68 13.94
C ALA B 44 11.84 15.91 14.12
N SER B 45 12.31 17.15 14.00
CA SER B 45 13.75 17.40 14.17
C SER B 45 14.07 17.38 15.68
N THR B 46 13.23 18.04 16.48
CA THR B 46 13.39 18.11 17.95
C THR B 46 13.44 16.70 18.50
N LEU B 47 12.44 15.93 18.09
CA LEU B 47 12.31 14.55 18.50
C LEU B 47 13.60 13.79 18.15
N CYS B 48 14.15 14.09 16.98
CA CYS B 48 15.41 13.47 16.57
C CYS B 48 16.54 13.72 17.61
N LEU B 49 16.73 14.97 18.04
CA LEU B 49 17.77 15.25 19.01
C LEU B 49 17.42 14.64 20.38
N ALA B 50 16.15 14.78 20.77
CA ALA B 50 15.76 14.25 22.10
C ALA B 50 15.95 12.72 22.20
N ALA B 51 15.63 11.99 21.13
CA ALA B 51 15.78 10.53 21.16
C ALA B 51 17.26 10.12 21.24
N CYS B 52 18.11 10.90 20.59
CA CYS B 52 19.54 10.65 20.58
C CYS B 52 20.06 10.73 22.02
N GLU B 53 19.76 11.83 22.71
CA GLU B 53 20.15 12.04 24.13
C GLU B 53 19.48 11.00 25.02
N LEU B 54 18.17 10.76 24.80
CA LEU B 54 17.46 9.74 25.58
C LEU B 54 18.23 8.41 25.62
N VAL B 55 18.78 7.98 24.46
CA VAL B 55 19.44 6.67 24.49
C VAL B 55 20.89 6.79 24.88
N GLY B 56 21.33 8.02 25.12
CA GLY B 56 22.69 8.21 25.58
C GLY B 56 23.66 8.91 24.67
N GLY B 57 23.23 9.15 23.41
CA GLY B 57 24.16 9.80 22.51
C GLY B 57 24.33 11.27 22.82
N ASP B 58 25.35 11.89 22.21
CA ASP B 58 25.61 13.31 22.38
C ASP B 58 24.75 14.03 21.35
N ARG B 59 24.23 15.21 21.70
CA ARG B 59 23.38 15.98 20.80
C ARG B 59 23.95 16.19 19.36
N SER B 60 25.24 16.48 19.25
CA SER B 60 25.83 16.71 17.93
C SER B 60 25.77 15.49 17.04
N GLN B 61 25.72 14.30 17.64
CA GLN B 61 25.70 13.07 16.84
C GLN B 61 24.46 12.93 15.95
N ALA B 62 23.46 13.78 16.22
CA ALA B 62 22.19 13.74 15.52
C ALA B 62 21.81 15.08 14.97
N MET B 63 22.72 16.02 15.07
CA MET B 63 22.44 17.36 14.60
C MET B 63 22.30 17.33 13.06
N ALA B 64 23.20 16.63 12.41
CA ALA B 64 23.08 16.62 10.95
C ALA B 64 21.69 16.09 10.53
N ALA B 65 21.24 14.97 11.15
CA ALA B 65 19.94 14.36 10.82
C ALA B 65 18.79 15.29 11.13
N ALA B 66 18.92 15.97 12.27
CA ALA B 66 17.86 16.86 12.66
C ALA B 66 17.72 18.00 11.65
N ALA B 67 18.83 18.57 11.22
CA ALA B 67 18.80 19.64 10.25
C ALA B 67 18.29 19.03 8.92
N ALA B 68 18.71 17.80 8.55
CA ALA B 68 18.22 17.23 7.28
C ALA B 68 16.70 17.06 7.28
N ILE B 69 16.17 16.68 8.45
CA ILE B 69 14.72 16.50 8.59
C ILE B 69 14.03 17.86 8.47
N HIS B 70 14.59 18.88 9.12
CA HIS B 70 13.99 20.23 8.99
C HIS B 70 13.98 20.66 7.51
N LEU B 71 15.11 20.51 6.87
CA LEU B 71 15.25 20.88 5.43
C LEU B 71 14.23 20.14 4.53
N VAL B 72 14.03 18.82 4.80
CA VAL B 72 13.05 18.06 4.03
C VAL B 72 11.68 18.65 4.31
N HIS B 73 11.39 18.93 5.57
CA HIS B 73 10.12 19.55 5.90
C HIS B 73 10.00 20.96 5.24
N ALA B 74 11.08 21.74 5.32
CA ALA B 74 11.01 23.10 4.73
C ALA B 74 10.77 23.03 3.25
N ALA B 75 11.44 22.09 2.56
CA ALA B 75 11.20 22.00 1.14
C ALA B 75 9.76 21.61 0.87
N ALA B 76 9.20 20.62 1.60
CA ALA B 76 7.80 20.23 1.33
C ALA B 76 6.79 21.40 1.60
N TYR B 77 7.10 22.14 2.66
CA TYR B 77 6.32 23.27 3.11
C TYR B 77 6.29 24.29 1.98
N VAL B 78 7.48 24.64 1.48
CA VAL B 78 7.54 25.59 0.35
C VAL B 78 6.69 25.08 -0.80
N HIS B 79 7.03 23.88 -1.29
CA HIS B 79 6.25 23.31 -2.39
C HIS B 79 4.76 23.20 -2.17
N GLU B 80 4.29 22.88 -0.96
CA GLU B 80 2.83 22.75 -0.79
C GLU B 80 2.10 24.08 -0.80
N HIS B 81 2.83 25.17 -0.75
CA HIS B 81 2.20 26.50 -0.80
C HIS B 81 2.55 27.23 -2.08
N LEU B 82 2.67 26.50 -3.17
CA LEU B 82 3.01 27.07 -4.47
C LEU B 82 1.77 27.54 -5.18
N PRO B 83 1.76 28.79 -5.65
CA PRO B 83 0.60 29.32 -6.36
C PRO B 83 0.56 28.53 -7.68
N LEU B 84 -0.48 27.74 -7.86
CA LEU B 84 -0.58 26.96 -9.08
C LEU B 84 -1.65 27.53 -10.05
N THR B 85 -1.29 27.64 -11.34
CA THR B 85 -2.18 28.23 -12.31
C THR B 85 -3.41 27.42 -12.66
N ASP B 86 -3.29 26.10 -12.53
CA ASP B 86 -4.37 25.20 -12.93
C ASP B 86 -5.35 24.82 -11.86
N GLY B 87 -5.19 25.43 -10.69
CA GLY B 87 -6.09 25.13 -9.59
C GLY B 87 -6.24 23.66 -9.23
N SER B 88 -5.19 22.87 -9.47
CA SER B 88 -5.24 21.44 -9.17
C SER B 88 -5.19 21.21 -7.67
N ARG B 89 -4.34 21.97 -6.97
CA ARG B 89 -4.23 21.84 -5.53
C ARG B 89 -5.27 22.71 -4.82
N PRO B 90 -6.02 22.14 -3.86
CA PRO B 90 -7.03 22.92 -3.14
C PRO B 90 -6.56 24.28 -2.62
N VAL B 91 -7.44 25.26 -2.75
CA VAL B 91 -7.15 26.63 -2.33
C VAL B 91 -6.94 26.66 -0.81
N SER B 92 -5.68 26.80 -0.39
CA SER B 92 -5.39 26.84 1.05
C SER B 92 -5.75 28.21 1.64
N LYS B 93 -6.80 28.25 2.45
CA LYS B 93 -7.21 29.51 3.07
C LYS B 93 -6.03 30.23 3.76
N PRO B 94 -5.28 29.53 4.62
CA PRO B 94 -4.15 30.19 5.29
C PRO B 94 -3.03 30.33 4.25
N ALA B 95 -3.07 31.44 3.51
CA ALA B 95 -2.11 31.73 2.43
C ALA B 95 -0.81 32.28 2.93
N ILE B 96 0.25 31.48 2.81
CA ILE B 96 1.56 31.93 3.26
C ILE B 96 1.98 33.08 2.32
N GLN B 97 2.74 34.05 2.82
CA GLN B 97 3.22 35.16 1.98
C GLN B 97 4.42 34.68 1.16
N HIS B 98 4.68 35.32 0.04
CA HIS B 98 5.79 34.92 -0.80
C HIS B 98 6.77 36.07 -1.09
N LYS B 99 7.99 35.94 -0.58
CA LYS B 99 9.03 36.94 -0.81
C LYS B 99 9.68 36.70 -2.18
N TYR B 100 9.57 35.47 -2.69
CA TYR B 100 10.14 35.13 -4.01
C TYR B 100 9.06 34.58 -4.92
N GLY B 101 9.36 34.54 -6.22
CA GLY B 101 8.37 34.04 -7.17
C GLY B 101 8.26 32.54 -7.16
N PRO B 102 7.13 31.99 -7.66
CA PRO B 102 6.87 30.56 -7.72
C PRO B 102 8.11 29.80 -8.24
N ASN B 103 8.59 30.17 -9.42
CA ASN B 103 9.74 29.49 -10.00
C ASN B 103 10.91 29.38 -9.03
N VAL B 104 11.17 30.46 -8.30
CA VAL B 104 12.31 30.49 -7.39
C VAL B 104 12.06 29.65 -6.14
N GLU B 105 10.82 29.66 -5.67
CA GLU B 105 10.45 28.84 -4.50
C GLU B 105 10.59 27.34 -4.92
N LEU B 106 9.98 26.97 -6.06
CA LEU B 106 10.08 25.60 -6.53
C LEU B 106 11.54 25.11 -6.61
N LEU B 107 12.43 25.83 -7.29
CA LEU B 107 13.83 25.36 -7.40
C LEU B 107 14.63 25.32 -6.11
N THR B 108 14.33 26.27 -5.23
CA THR B 108 14.99 26.42 -3.96
C THR B 108 14.60 25.20 -3.16
N GLY B 109 13.31 24.87 -3.23
CA GLY B 109 12.86 23.63 -2.60
C GLY B 109 13.69 22.41 -3.10
N ASP B 110 14.02 22.40 -4.39
CA ASP B 110 14.77 21.28 -4.93
C ASP B 110 16.20 21.29 -4.52
N GLY B 111 16.71 22.44 -4.09
CA GLY B 111 18.11 22.58 -3.62
C GLY B 111 18.29 22.35 -2.11
N ILE B 112 17.22 22.54 -1.36
CA ILE B 112 17.27 22.35 0.09
C ILE B 112 17.31 20.87 0.46
N VAL B 113 16.42 20.08 -0.14
CA VAL B 113 16.37 18.67 0.15
C VAL B 113 17.77 18.04 -0.03
N PRO B 114 18.43 18.24 -1.17
CA PRO B 114 19.76 17.60 -1.25
C PRO B 114 20.76 18.17 -0.25
N PHE B 115 20.52 19.40 0.21
CA PHE B 115 21.49 19.95 1.17
C PHE B 115 21.44 19.12 2.45
N GLY B 116 20.25 18.59 2.77
CA GLY B 116 20.12 17.73 3.96
C GLY B 116 21.06 16.50 3.89
N PHE B 117 21.04 15.85 2.72
CA PHE B 117 21.82 14.66 2.48
C PHE B 117 23.29 15.04 2.41
N GLU B 118 23.56 16.25 1.89
CA GLU B 118 24.95 16.74 1.88
C GLU B 118 25.44 16.86 3.33
N LEU B 119 24.65 17.56 4.15
CA LEU B 119 25.06 17.68 5.58
C LEU B 119 25.30 16.31 6.18
N LEU B 120 24.41 15.34 5.91
CA LEU B 120 24.58 14.03 6.52
C LEU B 120 25.81 13.34 6.04
N ALA B 121 26.04 13.29 4.75
CA ALA B 121 27.24 12.61 4.26
C ALA B 121 28.43 13.35 4.75
N GLY B 122 28.32 14.67 4.71
CA GLY B 122 29.40 15.52 5.17
C GLY B 122 29.60 15.50 6.70
N SER B 123 28.69 14.87 7.48
CA SER B 123 28.90 14.81 8.92
C SER B 123 29.64 13.53 9.30
N VAL B 124 30.06 12.72 8.35
CA VAL B 124 30.80 11.50 8.74
C VAL B 124 32.18 11.83 9.32
N ASP B 125 32.41 11.47 10.58
CA ASP B 125 33.73 11.75 11.11
C ASP B 125 34.57 10.54 10.78
N PRO B 126 35.57 10.70 9.93
CA PRO B 126 36.43 9.54 9.58
C PRO B 126 37.05 8.88 10.78
N ALA B 127 37.18 9.61 11.89
CA ALA B 127 37.75 9.02 13.10
C ALA B 127 36.72 8.18 13.89
N ARG B 128 35.44 8.25 13.51
CA ARG B 128 34.42 7.49 14.26
C ARG B 128 33.99 6.30 13.41
N THR B 129 34.43 5.11 13.81
CA THR B 129 34.13 3.91 13.05
C THR B 129 32.68 3.50 12.86
N ASP B 130 31.78 3.94 13.72
CA ASP B 130 30.40 3.54 13.52
C ASP B 130 29.63 4.54 12.67
N ASP B 131 30.29 5.64 12.34
CA ASP B 131 29.69 6.74 11.58
C ASP B 131 29.01 6.41 10.24
N PRO B 132 29.71 5.68 9.36
CA PRO B 132 29.20 5.30 8.03
C PRO B 132 27.89 4.54 8.09
N ASP B 133 27.89 3.41 8.80
CA ASP B 133 26.68 2.59 8.87
C ASP B 133 25.48 3.32 9.45
N ARG B 134 25.71 4.12 10.49
CA ARG B 134 24.57 4.80 11.12
C ARG B 134 23.97 5.89 10.24
N ILE B 135 24.87 6.61 9.56
CA ILE B 135 24.46 7.72 8.71
C ILE B 135 23.83 7.14 7.44
N LEU B 136 24.37 6.02 6.96
CA LEU B 136 23.79 5.38 5.77
C LEU B 136 22.36 5.01 6.08
N ARG B 137 22.17 4.37 7.24
CA ARG B 137 20.88 3.94 7.65
C ARG B 137 19.90 5.17 7.70
N VAL B 138 20.37 6.26 8.32
CA VAL B 138 19.57 7.48 8.49
C VAL B 138 19.15 8.14 7.16
N ILE B 139 20.04 8.04 6.16
CA ILE B 139 19.76 8.60 4.85
C ILE B 139 18.61 7.77 4.28
N ILE B 140 18.67 6.46 4.48
CA ILE B 140 17.54 5.65 4.01
C ILE B 140 16.26 6.07 4.73
N GLU B 141 16.33 6.22 6.05
CA GLU B 141 15.15 6.62 6.84
C GLU B 141 14.53 7.94 6.39
N ILE B 142 15.34 8.96 6.23
CA ILE B 142 14.84 10.26 5.86
C ILE B 142 14.34 10.31 4.42
N SER B 143 15.12 9.68 3.52
CA SER B 143 14.71 9.68 2.12
C SER B 143 13.40 8.92 1.99
N ARG B 144 13.16 7.87 2.79
CA ARG B 144 11.89 7.13 2.68
C ARG B 144 10.69 7.95 3.20
N ALA B 145 10.91 8.61 4.34
CA ALA B 145 9.90 9.39 5.01
C ALA B 145 9.49 10.63 4.25
N GLY B 146 10.43 11.23 3.53
CA GLY B 146 10.06 12.38 2.71
C GLY B 146 9.66 12.00 1.28
N GLY B 147 9.77 10.72 0.94
CA GLY B 147 9.47 10.22 -0.38
C GLY B 147 8.02 9.91 -0.69
N PRO B 148 7.76 9.28 -1.87
CA PRO B 148 6.43 8.93 -2.36
C PRO B 148 5.52 8.13 -1.47
N GLU B 149 6.09 7.30 -0.60
CA GLU B 149 5.22 6.53 0.25
C GLU B 149 5.16 7.09 1.66
N GLY B 150 5.77 8.24 1.88
CA GLY B 150 5.72 8.84 3.20
C GLY B 150 4.93 10.12 3.11
N MET B 151 5.66 11.19 3.39
CA MET B 151 5.12 12.54 3.45
C MET B 151 4.40 12.95 2.21
N ILE B 152 4.95 12.57 1.08
CA ILE B 152 4.34 12.93 -0.19
C ILE B 152 2.97 12.29 -0.32
N SER B 153 2.80 11.06 0.16
CA SER B 153 1.47 10.47 0.11
C SER B 153 0.49 11.31 0.94
N GLY B 154 0.94 11.82 2.08
CA GLY B 154 0.08 12.58 2.95
C GLY B 154 -0.27 13.89 2.29
N LEU B 155 0.75 14.52 1.69
CA LEU B 155 0.56 15.79 0.98
C LEU B 155 -0.42 15.60 -0.16
N HIS B 156 -0.30 14.48 -0.86
CA HIS B 156 -1.19 14.20 -1.97
C HIS B 156 -2.66 13.93 -1.53
N ARG B 157 -2.86 13.10 -0.50
CA ARG B 157 -4.20 12.75 -0.07
C ARG B 157 -4.84 13.94 0.66
N GLU B 158 -4.01 14.77 1.26
CA GLU B 158 -4.53 15.95 1.95
C GLU B 158 -5.42 16.80 1.00
N GLU B 159 -5.09 16.81 -0.28
CA GLU B 159 -5.87 17.61 -1.21
C GLU B 159 -7.29 17.07 -1.42
N GLU B 160 -7.58 15.91 -0.86
CA GLU B 160 -8.90 15.33 -1.05
C GLU B 160 -9.85 15.66 0.09
N ILE B 161 -9.31 16.28 1.12
CA ILE B 161 -10.08 16.65 2.30
C ILE B 161 -11.03 17.80 2.01
N VAL B 162 -12.33 17.54 2.20
CA VAL B 162 -13.35 18.56 2.03
C VAL B 162 -13.61 19.11 3.42
N ASP B 163 -13.21 20.35 3.63
CA ASP B 163 -13.29 21.00 4.95
C ASP B 163 -14.41 20.63 5.91
N GLY B 164 -15.60 20.33 5.42
CA GLY B 164 -16.62 19.94 6.38
C GLY B 164 -17.32 18.66 5.99
N ASN B 165 -16.67 17.80 5.20
CA ASN B 165 -17.30 16.58 4.70
C ASN B 165 -16.37 15.37 4.62
N THR B 166 -15.32 15.32 5.45
CA THR B 166 -14.46 14.13 5.38
C THR B 166 -14.31 13.55 6.78
N SER B 167 -14.42 12.22 6.87
CA SER B 167 -14.34 11.50 8.16
C SER B 167 -13.08 11.71 8.93
N LEU B 168 -13.15 11.43 10.20
CA LEU B 168 -11.98 11.54 11.04
C LEU B 168 -10.97 10.42 10.70
N ASP B 169 -11.44 9.28 10.23
CA ASP B 169 -10.53 8.17 9.88
C ASP B 169 -9.63 8.58 8.73
N PHE B 170 -10.20 9.29 7.76
CA PHE B 170 -9.42 9.71 6.60
C PHE B 170 -8.49 10.78 7.04
N ILE B 171 -8.96 11.74 7.86
CA ILE B 171 -8.03 12.79 8.31
C ILE B 171 -6.87 12.21 9.12
N GLU B 172 -7.20 11.32 10.03
CA GLU B 172 -6.14 10.73 10.86
C GLU B 172 -5.08 10.11 9.92
N TYR B 173 -5.54 9.38 8.90
CA TYR B 173 -4.64 8.74 7.94
C TYR B 173 -3.72 9.76 7.24
N VAL B 174 -4.30 10.88 6.75
CA VAL B 174 -3.53 11.96 6.12
C VAL B 174 -2.48 12.49 7.10
N CYS B 175 -2.79 12.54 8.40
CA CYS B 175 -1.84 13.06 9.37
C CYS B 175 -0.69 12.05 9.67
N LYS B 176 -1.04 10.76 9.65
CA LYS B 176 -0.04 9.77 9.95
C LYS B 176 0.97 9.80 8.82
N LYS B 177 0.44 10.01 7.58
CA LYS B 177 1.29 10.09 6.41
C LYS B 177 2.06 11.37 6.29
N LYS B 178 1.34 12.49 6.48
CA LYS B 178 1.99 13.81 6.35
C LYS B 178 2.95 14.11 7.51
N TYR B 179 2.55 13.87 8.77
CA TYR B 179 3.40 14.13 9.95
C TYR B 179 3.92 12.91 10.70
N GLY B 180 3.07 11.91 10.91
CA GLY B 180 3.51 10.74 11.63
C GLY B 180 4.75 10.04 11.07
N GLU B 181 4.80 9.83 9.75
CA GLU B 181 5.94 9.15 9.13
C GLU B 181 7.25 9.85 9.46
N MET B 182 7.22 11.16 9.34
CA MET B 182 8.42 11.97 9.59
C MET B 182 8.84 11.99 11.05
N HIS B 183 7.89 12.13 11.98
CA HIS B 183 8.19 12.12 13.42
C HIS B 183 8.80 10.74 13.80
N ALA B 184 8.19 9.68 13.29
CA ALA B 184 8.68 8.35 13.57
C ALA B 184 10.13 8.27 13.08
N CYS B 185 10.36 8.88 11.94
CA CYS B 185 11.63 8.92 11.26
C CYS B 185 12.65 9.61 12.14
N GLY B 186 12.31 10.80 12.57
CA GLY B 186 13.25 11.50 13.45
C GLY B 186 13.62 10.75 14.74
N ALA B 187 12.63 10.17 15.41
CA ALA B 187 12.93 9.48 16.67
C ALA B 187 13.74 8.26 16.38
N ALA B 188 13.36 7.57 15.29
CA ALA B 188 14.09 6.40 14.93
C ALA B 188 15.55 6.76 14.63
N CYS B 189 15.75 7.84 13.89
CA CYS B 189 17.10 8.30 13.54
C CYS B 189 17.88 8.74 14.76
N GLY B 190 17.26 9.56 15.62
CA GLY B 190 17.97 9.95 16.83
C GLY B 190 18.45 8.71 17.61
N ALA B 191 17.58 7.65 17.67
CA ALA B 191 17.93 6.45 18.39
C ALA B 191 19.08 5.71 17.73
N ILE B 192 19.03 5.64 16.42
CA ILE B 192 20.06 4.98 15.64
C ILE B 192 21.41 5.70 15.84
N LEU B 193 21.40 7.02 15.64
CA LEU B 193 22.61 7.80 15.77
C LEU B 193 23.17 7.73 17.22
N GLY B 194 22.28 7.54 18.21
CA GLY B 194 22.73 7.44 19.57
C GLY B 194 23.33 6.08 19.95
N GLY B 195 23.31 5.13 19.07
CA GLY B 195 23.81 3.82 19.46
C GLY B 195 22.80 2.83 20.08
N ALA B 196 21.51 3.17 20.05
CA ALA B 196 20.46 2.34 20.62
C ALA B 196 20.35 1.00 19.91
N ALA B 197 19.78 0.01 20.59
CA ALA B 197 19.60 -1.32 20.01
C ALA B 197 18.28 -1.33 19.25
N GLU B 198 18.09 -2.38 18.45
CA GLU B 198 16.87 -2.48 17.64
C GLU B 198 15.57 -2.30 18.39
N GLU B 199 15.47 -2.95 19.55
CA GLU B 199 14.26 -2.87 20.33
C GLU B 199 13.95 -1.42 20.70
N GLU B 200 14.96 -0.69 21.18
CA GLU B 200 14.81 0.73 21.59
C GLU B 200 14.36 1.57 20.37
N ILE B 201 15.03 1.35 19.25
CA ILE B 201 14.72 2.07 18.02
C ILE B 201 13.26 1.93 17.61
N GLN B 202 12.81 0.67 17.50
CA GLN B 202 11.40 0.39 17.13
C GLN B 202 10.44 1.07 18.11
N LYS B 203 10.77 1.02 19.39
CA LYS B 203 9.89 1.66 20.34
C LYS B 203 9.77 3.12 20.08
N LEU B 204 10.92 3.81 19.98
CA LEU B 204 10.90 5.24 19.74
C LEU B 204 10.28 5.60 18.41
N ARG B 205 10.49 4.75 17.39
CA ARG B 205 9.89 4.92 16.03
C ARG B 205 8.39 4.94 16.19
N ASN B 206 7.87 3.94 16.90
CA ASN B 206 6.44 3.81 17.14
C ASN B 206 5.87 5.00 17.85
N PHE B 207 6.59 5.44 18.88
CA PHE B 207 6.21 6.57 19.64
C PHE B 207 6.11 7.80 18.73
N GLY B 208 7.15 8.00 17.91
CA GLY B 208 7.15 9.14 17.01
C GLY B 208 5.96 9.07 16.06
N LEU B 209 5.68 7.87 15.57
CA LEU B 209 4.60 7.72 14.66
C LEU B 209 3.32 8.25 15.28
N TYR B 210 2.97 7.80 16.50
CA TYR B 210 1.72 8.26 17.15
C TYR B 210 1.81 9.73 17.48
N GLN B 211 2.95 10.12 18.02
CA GLN B 211 3.21 11.52 18.36
C GLN B 211 2.95 12.47 17.17
N GLY B 212 3.45 12.11 16.00
CA GLY B 212 3.30 13.01 14.88
C GLY B 212 1.92 13.03 14.33
N THR B 213 1.24 11.90 14.41
CA THR B 213 -0.10 11.81 13.87
C THR B 213 -0.96 12.70 14.71
N LEU B 214 -0.72 12.60 16.01
CA LEU B 214 -1.43 13.36 17.05
C LEU B 214 -1.20 14.85 16.87
N ARG B 215 0.06 15.21 16.63
CA ARG B 215 0.37 16.60 16.43
C ARG B 215 -0.29 17.16 15.18
N GLY B 216 -0.19 16.45 14.06
CA GLY B 216 -0.80 16.95 12.84
C GLY B 216 -2.31 16.96 13.00
N MET B 217 -2.78 16.00 13.77
CA MET B 217 -4.20 15.88 14.03
C MET B 217 -4.69 17.23 14.56
N MET B 218 -3.87 17.88 15.41
CA MET B 218 -4.22 19.19 15.94
C MET B 218 -4.01 20.37 14.98
N GLU B 219 -3.00 20.29 14.11
CA GLU B 219 -2.72 21.32 13.11
C GLU B 219 -3.98 21.55 12.31
N MET B 220 -4.91 20.61 12.39
CA MET B 220 -6.14 20.72 11.63
C MET B 220 -7.38 20.88 12.51
N LYS B 221 -7.21 20.63 13.82
CA LYS B 221 -8.32 20.72 14.78
C LYS B 221 -9.03 22.05 14.67
N ASN B 222 -8.24 23.12 14.59
CA ASN B 222 -8.78 24.47 14.48
C ASN B 222 -9.37 24.72 13.10
N SER B 223 -9.47 23.65 12.31
CA SER B 223 -10.01 23.74 10.97
C SER B 223 -11.26 22.84 10.84
N HIS B 224 -11.07 21.53 11.01
CA HIS B 224 -12.17 20.57 10.91
C HIS B 224 -12.76 20.28 12.28
N GLN B 225 -13.70 21.12 12.68
CA GLN B 225 -14.38 21.01 13.97
C GLN B 225 -15.11 19.66 14.02
N LEU B 226 -14.40 18.61 14.42
CA LEU B 226 -14.98 17.27 14.50
C LEU B 226 -14.09 16.40 15.37
N ILE B 227 -12.89 16.90 15.63
CA ILE B 227 -11.89 16.22 16.46
C ILE B 227 -12.43 15.68 17.77
N ASP B 228 -12.95 14.46 17.72
CA ASP B 228 -13.50 13.78 18.88
C ASP B 228 -12.36 13.53 19.87
N GLU B 229 -12.61 13.76 21.15
CA GLU B 229 -11.63 13.57 22.19
C GLU B 229 -11.12 12.12 22.20
N ASN B 230 -11.81 11.25 21.47
CA ASN B 230 -11.45 9.83 21.38
C ASN B 230 -10.24 9.54 20.53
N ILE B 231 -10.09 10.25 19.41
CA ILE B 231 -8.94 10.00 18.55
C ILE B 231 -7.63 10.35 19.28
N ILE B 232 -7.54 11.59 19.76
CA ILE B 232 -6.34 12.05 20.47
C ILE B 232 -6.04 11.20 21.70
N GLY B 233 -7.07 10.55 22.24
CA GLY B 233 -6.90 9.70 23.40
C GLY B 233 -6.43 8.29 23.03
N LYS B 234 -6.85 7.82 21.86
CA LYS B 234 -6.48 6.49 21.38
C LYS B 234 -5.01 6.52 20.94
N LEU B 235 -4.62 7.61 20.29
CA LEU B 235 -3.24 7.78 19.84
C LEU B 235 -2.27 7.97 21.01
N LYS B 236 -2.72 8.68 22.05
CA LYS B 236 -1.91 8.92 23.25
C LYS B 236 -1.60 7.56 23.93
N GLU B 237 -2.63 6.76 24.15
CA GLU B 237 -2.40 5.47 24.77
C GLU B 237 -1.42 4.66 23.94
N LEU B 238 -1.68 4.55 22.63
CA LEU B 238 -0.79 3.80 21.73
C LEU B 238 0.64 4.29 21.82
N ALA B 239 0.80 5.61 21.93
CA ALA B 239 2.11 6.23 22.07
C ALA B 239 2.71 5.93 23.44
N LEU B 240 2.03 6.44 24.47
CA LEU B 240 2.48 6.27 25.84
C LEU B 240 2.69 4.82 26.24
N GLU B 241 2.06 3.90 25.52
CA GLU B 241 2.22 2.49 25.83
C GLU B 241 3.49 1.97 25.20
N GLU B 242 3.80 2.50 24.02
CA GLU B 242 4.99 2.07 23.31
C GLU B 242 6.26 2.42 24.09
N LEU B 243 6.13 3.39 25.00
CA LEU B 243 7.26 3.81 25.82
C LEU B 243 7.54 2.77 26.92
N GLY B 244 6.63 1.81 27.07
CA GLY B 244 6.82 0.79 28.09
C GLY B 244 8.17 0.11 27.95
N GLY B 245 9.13 0.53 28.77
CA GLY B 245 10.47 -0.04 28.73
C GLY B 245 11.49 1.09 28.83
N PHE B 246 10.98 2.30 28.97
CA PHE B 246 11.80 3.52 29.08
C PHE B 246 11.24 4.43 30.19
N HIS B 247 11.85 4.38 31.37
CA HIS B 247 11.38 5.20 32.48
C HIS B 247 12.37 6.30 32.87
N GLY B 248 11.84 7.37 33.44
CA GLY B 248 12.65 8.50 33.84
C GLY B 248 11.95 9.77 33.37
N LYS B 249 12.70 10.86 33.18
CA LYS B 249 12.13 12.13 32.73
C LYS B 249 12.16 12.16 31.22
N ASN B 250 13.35 12.17 30.64
CA ASN B 250 13.46 12.19 29.18
C ASN B 250 12.80 10.92 28.65
N ALA B 251 12.74 9.87 29.47
CA ALA B 251 12.12 8.59 29.10
C ALA B 251 10.61 8.69 29.32
N GLU B 252 10.18 9.84 29.82
CA GLU B 252 8.79 10.16 30.08
C GLU B 252 8.61 11.67 29.88
N LEU B 253 9.53 12.26 29.10
CA LEU B 253 9.48 13.69 28.78
C LEU B 253 9.06 13.76 27.35
N MET B 254 9.23 12.65 26.64
CA MET B 254 8.83 12.60 25.26
C MET B 254 7.33 12.84 25.33
N SER B 255 6.74 12.28 26.38
CA SER B 255 5.31 12.38 26.62
C SER B 255 4.88 13.79 27.03
N SER B 256 5.74 14.76 26.81
CA SER B 256 5.45 16.15 27.15
C SER B 256 4.80 16.84 25.96
N LEU B 257 4.53 16.07 24.91
CA LEU B 257 3.86 16.59 23.73
C LEU B 257 2.45 16.01 23.68
N VAL B 258 2.26 14.89 24.38
CA VAL B 258 0.95 14.25 24.43
C VAL B 258 0.15 14.82 25.61
N ALA B 259 0.41 16.10 25.91
CA ALA B 259 -0.26 16.81 27.01
C ALA B 259 -1.35 17.78 26.49
N MET C 1 -6.82 -23.25 -26.86
CA MET C 1 -6.09 -23.45 -25.57
C MET C 1 -5.30 -24.74 -25.68
N GLN C 2 -4.10 -24.74 -25.09
CA GLN C 2 -3.22 -25.89 -25.10
C GLN C 2 -3.89 -27.04 -24.36
N PRO C 3 -3.67 -28.29 -24.85
CA PRO C 3 -4.22 -29.55 -24.34
C PRO C 3 -3.86 -29.85 -22.90
N TYR C 4 -2.62 -29.57 -22.51
CA TYR C 4 -2.24 -29.79 -21.11
C TYR C 4 -3.11 -28.89 -20.19
N TRP C 5 -3.13 -27.59 -20.47
CA TRP C 5 -3.94 -26.67 -19.67
C TRP C 5 -5.45 -26.98 -19.71
N ALA C 6 -5.97 -27.24 -20.90
CA ALA C 6 -7.38 -27.59 -21.04
C ALA C 6 -7.74 -28.83 -20.22
N ALA C 7 -6.82 -29.78 -20.16
CA ALA C 7 -7.08 -31.01 -19.45
C ALA C 7 -7.10 -30.74 -17.98
N ILE C 8 -6.15 -29.90 -17.52
CA ILE C 8 -6.08 -29.54 -16.08
C ILE C 8 -7.36 -28.82 -15.73
N GLU C 9 -7.77 -27.85 -16.54
CA GLU C 9 -9.01 -27.12 -16.28
C GLU C 9 -10.21 -28.07 -16.16
N ALA C 10 -10.32 -29.06 -17.05
CA ALA C 10 -11.40 -30.02 -17.02
C ALA C 10 -11.46 -30.78 -15.70
N ASP C 11 -10.26 -31.11 -15.16
CA ASP C 11 -10.18 -31.81 -13.88
C ASP C 11 -10.74 -30.90 -12.81
N ILE C 12 -10.43 -29.60 -12.87
CA ILE C 12 -10.95 -28.71 -11.80
C ILE C 12 -12.45 -28.67 -11.96
N GLU C 13 -12.93 -28.60 -13.20
CA GLU C 13 -14.38 -28.54 -13.41
C GLU C 13 -15.09 -29.77 -12.80
N ARG C 14 -14.51 -30.96 -13.01
CA ARG C 14 -15.10 -32.19 -12.46
C ARG C 14 -15.11 -32.19 -10.95
N TYR C 15 -13.94 -31.88 -10.39
CA TYR C 15 -13.78 -31.80 -8.94
C TYR C 15 -14.81 -30.84 -8.35
N LEU C 16 -15.04 -29.71 -9.02
CA LEU C 16 -16.07 -28.72 -8.57
C LEU C 16 -17.46 -29.28 -8.71
N LYS C 17 -17.76 -29.97 -9.82
CA LYS C 17 -19.12 -30.53 -9.98
C LYS C 17 -19.41 -31.58 -8.92
N LYS C 18 -18.41 -32.38 -8.59
CA LYS C 18 -18.59 -33.39 -7.55
C LYS C 18 -18.72 -32.69 -6.17
N SER C 19 -18.05 -31.55 -5.97
CA SER C 19 -18.12 -30.89 -4.68
C SER C 19 -19.40 -30.13 -4.44
N ILE C 20 -20.06 -29.68 -5.50
CA ILE C 20 -21.29 -28.91 -5.36
C ILE C 20 -22.42 -29.64 -6.03
N THR C 21 -23.23 -30.35 -5.24
CA THR C 21 -24.33 -31.08 -5.85
C THR C 21 -25.67 -30.43 -5.53
N ILE C 22 -26.40 -30.05 -6.58
CA ILE C 22 -27.70 -29.42 -6.40
C ILE C 22 -28.57 -30.30 -5.51
N ARG C 23 -29.13 -29.70 -4.46
CA ARG C 23 -30.00 -30.42 -3.54
C ARG C 23 -30.89 -29.46 -2.80
N PRO C 24 -31.77 -29.98 -1.94
CA PRO C 24 -32.58 -28.94 -1.29
C PRO C 24 -31.78 -28.23 -0.18
N PRO C 25 -32.03 -26.93 0.00
CA PRO C 25 -32.98 -26.13 -0.78
C PRO C 25 -32.39 -25.75 -2.15
N GLU C 26 -33.09 -26.13 -3.21
CA GLU C 26 -32.65 -25.85 -4.57
C GLU C 26 -32.52 -24.33 -4.79
N THR C 27 -33.34 -23.57 -4.09
CA THR C 27 -33.27 -22.15 -4.22
C THR C 27 -31.85 -21.66 -3.81
N VAL C 28 -31.15 -22.50 -3.03
CA VAL C 28 -29.84 -22.09 -2.59
C VAL C 28 -28.79 -22.71 -3.46
N PHE C 29 -28.82 -24.04 -3.57
CA PHE C 29 -27.79 -24.74 -4.34
C PHE C 29 -27.85 -24.61 -5.88
N GLY C 30 -28.98 -24.17 -6.40
CA GLY C 30 -29.09 -24.02 -7.83
C GLY C 30 -28.21 -22.91 -8.29
N PRO C 31 -28.39 -21.71 -7.75
CA PRO C 31 -27.55 -20.55 -8.12
C PRO C 31 -26.10 -20.83 -7.66
N MET C 32 -25.91 -21.50 -6.54
CA MET C 32 -24.50 -21.78 -6.11
C MET C 32 -23.71 -22.50 -7.22
N HIS C 33 -24.37 -23.53 -7.75
CA HIS C 33 -23.84 -24.36 -8.84
C HIS C 33 -23.69 -23.59 -10.16
N HIS C 34 -24.78 -22.92 -10.53
CA HIS C 34 -24.77 -22.17 -11.76
C HIS C 34 -23.74 -21.03 -11.77
N LEU C 35 -23.73 -20.18 -10.74
CA LEU C 35 -22.78 -19.07 -10.74
C LEU C 35 -21.30 -19.55 -10.63
N THR C 36 -21.06 -20.71 -10.04
CA THR C 36 -19.68 -21.22 -10.00
C THR C 36 -19.16 -21.46 -11.41
N PHE C 37 -19.99 -22.08 -12.24
CA PHE C 37 -19.59 -22.36 -13.60
C PHE C 37 -19.87 -21.24 -14.59
N ALA C 38 -20.59 -20.23 -14.14
CA ALA C 38 -20.90 -19.08 -14.98
C ALA C 38 -19.69 -18.17 -15.03
N ALA C 39 -18.80 -18.24 -14.04
CA ALA C 39 -17.68 -17.34 -14.03
C ALA C 39 -16.65 -17.85 -15.00
N PRO C 40 -15.82 -16.97 -15.54
CA PRO C 40 -14.76 -17.35 -16.47
C PRO C 40 -13.81 -18.39 -15.79
N ALA C 41 -13.11 -19.18 -16.58
CA ALA C 41 -12.15 -20.09 -15.99
C ALA C 41 -10.96 -19.18 -15.66
N THR C 42 -10.22 -19.44 -14.60
CA THR C 42 -9.06 -18.60 -14.34
C THR C 42 -7.76 -19.49 -14.27
N ALA C 43 -6.69 -19.03 -14.90
CA ALA C 43 -5.41 -19.74 -14.90
C ALA C 43 -4.78 -19.73 -13.47
N ALA C 44 -5.24 -18.80 -12.62
CA ALA C 44 -4.70 -18.77 -11.26
C ALA C 44 -4.92 -20.14 -10.61
N SER C 45 -5.97 -20.79 -11.05
CA SER C 45 -6.43 -22.05 -10.55
C SER C 45 -5.66 -23.23 -11.14
N THR C 46 -5.54 -23.30 -12.45
CA THR C 46 -4.79 -24.41 -13.03
C THR C 46 -3.31 -24.30 -12.69
N LEU C 47 -2.85 -23.05 -12.52
CA LEU C 47 -1.49 -22.73 -12.19
C LEU C 47 -1.14 -23.36 -10.84
N CYS C 48 -2.14 -23.55 -9.99
CA CYS C 48 -1.90 -24.11 -8.68
C CYS C 48 -1.54 -25.61 -8.83
N LEU C 49 -2.31 -26.34 -9.62
CA LEU C 49 -2.06 -27.78 -9.86
C LEU C 49 -0.72 -27.94 -10.55
N ALA C 50 -0.53 -27.14 -11.59
CA ALA C 50 0.72 -27.16 -12.33
C ALA C 50 1.94 -26.81 -11.46
N ALA C 51 1.85 -25.74 -10.69
CA ALA C 51 2.96 -25.34 -9.85
C ALA C 51 3.35 -26.47 -8.95
N CYS C 52 2.35 -27.19 -8.46
CA CYS C 52 2.59 -28.29 -7.53
C CYS C 52 3.40 -29.40 -8.20
N GLU C 53 3.00 -29.76 -9.42
CA GLU C 53 3.69 -30.78 -10.20
C GLU C 53 5.13 -30.41 -10.47
N LEU C 54 5.30 -29.19 -11.00
CA LEU C 54 6.62 -28.70 -11.33
C LEU C 54 7.62 -28.91 -10.21
N VAL C 55 7.21 -28.70 -8.96
CA VAL C 55 8.14 -28.86 -7.83
C VAL C 55 8.22 -30.26 -7.22
N GLY C 56 7.42 -31.19 -7.75
CA GLY C 56 7.45 -32.55 -7.26
C GLY C 56 6.18 -33.22 -6.79
N GLY C 57 5.39 -32.53 -5.98
CA GLY C 57 4.16 -33.12 -5.46
C GLY C 57 3.21 -33.58 -6.52
N ASP C 58 2.09 -34.18 -6.11
CA ASP C 58 1.07 -34.65 -7.04
C ASP C 58 -0.10 -33.63 -7.09
N ARG C 59 -0.69 -33.45 -8.27
CA ARG C 59 -1.76 -32.47 -8.42
C ARG C 59 -2.89 -32.60 -7.42
N SER C 60 -3.30 -33.83 -7.11
CA SER C 60 -4.39 -34.03 -6.14
C SER C 60 -4.11 -33.37 -4.79
N GLN C 61 -2.85 -33.07 -4.48
CA GLN C 61 -2.52 -32.43 -3.20
C GLN C 61 -2.92 -30.94 -3.24
N ALA C 62 -3.12 -30.44 -4.46
CA ALA C 62 -3.44 -29.02 -4.67
C ALA C 62 -4.82 -28.79 -5.29
N MET C 63 -5.59 -29.87 -5.40
CA MET C 63 -6.87 -29.73 -6.00
C MET C 63 -7.81 -28.85 -5.20
N ALA C 64 -7.92 -29.07 -3.88
CA ALA C 64 -8.85 -28.25 -3.08
C ALA C 64 -8.51 -26.79 -3.15
N ALA C 65 -7.23 -26.49 -3.17
CA ALA C 65 -6.75 -25.12 -3.24
C ALA C 65 -7.16 -24.58 -4.61
N ALA C 66 -7.00 -25.37 -5.67
CA ALA C 66 -7.32 -24.88 -6.98
C ALA C 66 -8.84 -24.51 -7.10
N ALA C 67 -9.67 -25.34 -6.51
CA ALA C 67 -11.10 -25.16 -6.50
C ALA C 67 -11.40 -23.89 -5.67
N ALA C 68 -10.79 -23.76 -4.50
CA ALA C 68 -10.99 -22.59 -3.67
C ALA C 68 -10.61 -21.32 -4.42
N ILE C 69 -9.49 -21.36 -5.16
CA ILE C 69 -9.11 -20.21 -5.97
C ILE C 69 -10.16 -19.81 -7.03
N HIS C 70 -10.72 -20.81 -7.72
CA HIS C 70 -11.70 -20.54 -8.73
C HIS C 70 -12.95 -19.92 -8.10
N LEU C 71 -13.38 -20.48 -6.96
CA LEU C 71 -14.56 -20.05 -6.22
C LEU C 71 -14.46 -18.59 -5.77
N VAL C 72 -13.30 -18.23 -5.16
CA VAL C 72 -13.05 -16.85 -4.74
C VAL C 72 -13.13 -15.93 -5.94
N HIS C 73 -12.54 -16.36 -7.05
CA HIS C 73 -12.57 -15.60 -8.27
C HIS C 73 -14.05 -15.49 -8.78
N ALA C 74 -14.78 -16.58 -8.68
CA ALA C 74 -16.14 -16.61 -9.18
C ALA C 74 -17.04 -15.65 -8.39
N ALA C 75 -16.96 -15.61 -7.05
CA ALA C 75 -17.76 -14.68 -6.26
C ALA C 75 -17.44 -13.27 -6.64
N ALA C 76 -16.15 -12.96 -6.86
CA ALA C 76 -15.74 -11.62 -7.27
C ALA C 76 -16.33 -11.19 -8.67
N TYR C 77 -16.37 -12.12 -9.60
CA TYR C 77 -16.86 -11.87 -10.91
C TYR C 77 -18.38 -11.56 -10.80
N VAL C 78 -19.11 -12.36 -10.03
CA VAL C 78 -20.53 -12.21 -9.83
C VAL C 78 -20.80 -10.85 -9.23
N HIS C 79 -20.05 -10.49 -8.20
CA HIS C 79 -20.26 -9.21 -7.58
C HIS C 79 -19.84 -8.06 -8.48
N GLU C 80 -18.78 -8.18 -9.26
CA GLU C 80 -18.43 -7.04 -10.11
C GLU C 80 -19.46 -6.76 -11.28
N HIS C 81 -20.28 -7.76 -11.63
CA HIS C 81 -21.29 -7.54 -12.68
C HIS C 81 -22.69 -7.32 -12.14
N LEU C 82 -22.77 -7.21 -10.83
CA LEU C 82 -24.01 -6.98 -10.12
C LEU C 82 -24.71 -5.71 -10.57
N PRO C 83 -25.99 -5.81 -10.86
CA PRO C 83 -26.77 -4.64 -11.29
C PRO C 83 -26.91 -3.61 -10.14
N LEU C 84 -26.25 -2.47 -10.19
CA LEU C 84 -26.43 -1.53 -9.09
C LEU C 84 -27.38 -0.37 -9.43
N THR C 85 -28.40 -0.18 -8.59
CA THR C 85 -29.39 0.88 -8.81
C THR C 85 -28.75 2.26 -8.86
N ASP C 86 -28.22 2.71 -7.73
CA ASP C 86 -27.63 4.03 -7.59
C ASP C 86 -26.56 4.45 -8.60
N GLY C 87 -26.25 3.59 -9.57
CA GLY C 87 -25.22 3.90 -10.55
C GLY C 87 -23.88 4.20 -9.90
N SER C 88 -23.53 3.39 -8.88
CA SER C 88 -22.29 3.57 -8.13
C SER C 88 -21.05 3.13 -8.93
N ARG C 89 -21.22 2.14 -9.79
CA ARG C 89 -20.12 1.62 -10.62
C ARG C 89 -20.33 2.08 -12.05
N PRO C 90 -19.29 2.67 -12.68
CA PRO C 90 -19.49 3.12 -14.05
C PRO C 90 -20.04 1.98 -14.89
N VAL C 91 -21.24 2.19 -15.41
CA VAL C 91 -21.92 1.20 -16.25
C VAL C 91 -20.98 0.66 -17.32
N SER C 92 -20.23 -0.38 -16.99
CA SER C 92 -19.31 -0.95 -17.95
C SER C 92 -20.11 -1.61 -19.08
N LYS C 93 -19.65 -1.38 -20.32
CA LYS C 93 -20.32 -1.93 -21.49
C LYS C 93 -20.69 -3.40 -21.35
N PRO C 94 -19.81 -4.22 -20.73
CA PRO C 94 -20.08 -5.65 -20.54
C PRO C 94 -21.56 -6.10 -20.67
N ALA C 95 -22.39 -5.59 -19.76
CA ALA C 95 -23.81 -5.93 -19.73
C ALA C 95 -24.03 -7.45 -19.93
N ILE C 96 -23.29 -8.27 -19.19
CA ILE C 96 -23.41 -9.71 -19.29
C ILE C 96 -24.81 -10.14 -18.98
N GLN C 97 -25.13 -11.38 -19.33
CA GLN C 97 -26.44 -11.95 -19.08
C GLN C 97 -26.63 -12.39 -17.61
N HIS C 98 -27.83 -12.29 -17.07
CA HIS C 98 -28.10 -12.71 -15.68
C HIS C 98 -29.24 -13.68 -15.47
N LYS C 99 -28.94 -14.88 -15.02
CA LYS C 99 -30.02 -15.84 -14.80
C LYS C 99 -30.82 -15.58 -13.55
N TYR C 100 -30.20 -14.99 -12.53
CA TYR C 100 -30.85 -14.73 -11.25
C TYR C 100 -30.88 -13.24 -10.94
N GLY C 101 -31.76 -12.83 -10.04
CA GLY C 101 -31.79 -11.42 -9.71
C GLY C 101 -30.58 -10.98 -8.87
N PRO C 102 -30.37 -9.66 -8.71
CA PRO C 102 -29.26 -9.11 -7.94
C PRO C 102 -29.11 -9.63 -6.49
N ASN C 103 -30.22 -9.84 -5.79
CA ASN C 103 -30.12 -10.32 -4.46
C ASN C 103 -29.56 -11.75 -4.37
N VAL C 104 -30.04 -12.65 -5.22
CA VAL C 104 -29.58 -14.03 -5.21
C VAL C 104 -28.07 -14.12 -5.63
N GLU C 105 -27.65 -13.24 -6.56
CA GLU C 105 -26.28 -13.20 -7.05
C GLU C 105 -25.37 -12.73 -5.95
N LEU C 106 -25.76 -11.64 -5.30
CA LEU C 106 -25.03 -11.05 -4.21
C LEU C 106 -24.77 -12.06 -3.09
N LEU C 107 -25.84 -12.69 -2.61
CA LEU C 107 -25.78 -13.66 -1.56
C LEU C 107 -25.01 -14.92 -1.94
N THR C 108 -25.26 -15.43 -3.15
CA THR C 108 -24.58 -16.61 -3.60
C THR C 108 -23.05 -16.34 -3.60
N GLY C 109 -22.67 -15.13 -3.99
CA GLY C 109 -21.28 -14.75 -4.00
C GLY C 109 -20.74 -14.89 -2.57
N ASP C 110 -21.49 -14.39 -1.61
CA ASP C 110 -21.13 -14.44 -0.20
C ASP C 110 -21.09 -15.88 0.30
N GLY C 111 -21.79 -16.79 -0.40
CA GLY C 111 -21.78 -18.17 -0.02
C GLY C 111 -20.65 -18.99 -0.67
N ILE C 112 -20.19 -18.54 -1.82
CA ILE C 112 -19.20 -19.22 -2.61
C ILE C 112 -17.83 -19.14 -1.97
N VAL C 113 -17.51 -17.93 -1.51
CA VAL C 113 -16.23 -17.68 -0.89
C VAL C 113 -16.00 -18.60 0.30
N PRO C 114 -16.95 -18.72 1.25
CA PRO C 114 -16.60 -19.64 2.35
C PRO C 114 -16.54 -21.10 1.92
N PHE C 115 -17.24 -21.47 0.84
CA PHE C 115 -17.17 -22.84 0.42
C PHE C 115 -15.74 -23.15 0.06
N GLY C 116 -15.04 -22.20 -0.54
CA GLY C 116 -13.65 -22.43 -0.90
C GLY C 116 -12.82 -22.77 0.34
N PHE C 117 -13.09 -22.06 1.42
CA PHE C 117 -12.36 -22.34 2.68
C PHE C 117 -12.81 -23.64 3.30
N GLU C 118 -14.08 -23.99 3.08
CA GLU C 118 -14.58 -25.24 3.59
C GLU C 118 -13.87 -26.44 2.95
N LEU C 119 -13.73 -26.45 1.63
CA LEU C 119 -13.02 -27.52 0.92
C LEU C 119 -11.59 -27.65 1.47
N LEU C 120 -10.91 -26.53 1.58
CA LEU C 120 -9.56 -26.48 2.10
C LEU C 120 -9.47 -27.08 3.50
N ALA C 121 -10.32 -26.64 4.41
CA ALA C 121 -10.26 -27.17 5.75
C ALA C 121 -10.63 -28.65 5.78
N GLY C 122 -11.40 -29.08 4.79
CA GLY C 122 -11.83 -30.47 4.75
C GLY C 122 -10.95 -31.44 3.97
N SER C 123 -10.10 -30.91 3.08
CA SER C 123 -9.19 -31.76 2.30
C SER C 123 -8.05 -32.24 3.20
N VAL C 124 -8.18 -31.94 4.50
CA VAL C 124 -7.19 -32.35 5.50
C VAL C 124 -7.23 -33.87 5.67
N ASP C 125 -6.32 -34.56 4.97
CA ASP C 125 -6.27 -36.01 5.04
C ASP C 125 -5.38 -36.51 6.18
N PRO C 126 -5.93 -37.41 7.03
CA PRO C 126 -5.17 -37.95 8.16
C PRO C 126 -3.82 -38.51 7.69
N ALA C 127 -3.86 -39.33 6.64
CA ALA C 127 -2.64 -39.93 6.08
C ALA C 127 -1.73 -38.86 5.45
N ARG C 128 -1.70 -37.69 6.09
CA ARG C 128 -0.88 -36.55 5.63
C ARG C 128 -0.33 -35.86 6.88
N THR C 129 0.99 -35.73 6.96
CA THR C 129 1.63 -35.10 8.11
C THR C 129 1.61 -33.57 8.06
N ASP C 130 2.44 -33.00 7.17
CA ASP C 130 2.56 -31.54 7.02
C ASP C 130 1.29 -30.89 6.45
N ASP C 131 0.20 -31.65 6.42
CA ASP C 131 -1.07 -31.20 5.90
C ASP C 131 -1.49 -29.86 6.51
N PRO C 132 -1.78 -29.82 7.83
CA PRO C 132 -2.23 -28.61 8.56
C PRO C 132 -1.45 -27.32 8.45
N ASP C 133 -0.13 -27.41 8.42
CA ASP C 133 0.61 -26.17 8.34
C ASP C 133 0.57 -25.54 6.95
N ARG C 134 0.54 -26.37 5.92
CA ARG C 134 0.51 -25.88 4.57
C ARG C 134 -0.88 -25.37 4.18
N ILE C 135 -1.91 -26.08 4.58
CA ILE C 135 -3.27 -25.71 4.26
C ILE C 135 -3.51 -24.34 4.89
N LEU C 136 -3.10 -24.22 6.14
CA LEU C 136 -3.29 -23.01 6.88
C LEU C 136 -2.59 -21.88 6.18
N ARG C 137 -1.44 -22.18 5.59
CA ARG C 137 -0.67 -21.16 4.91
C ARG C 137 -1.36 -20.75 3.60
N VAL C 138 -2.00 -21.73 2.99
CA VAL C 138 -2.69 -21.54 1.74
C VAL C 138 -3.98 -20.72 1.98
N ILE C 139 -4.56 -20.83 3.15
CA ILE C 139 -5.80 -20.13 3.47
C ILE C 139 -5.43 -18.68 3.59
N ILE C 140 -4.23 -18.46 4.15
CA ILE C 140 -3.77 -17.12 4.26
C ILE C 140 -3.48 -16.51 2.90
N GLU C 141 -2.86 -17.25 2.00
CA GLU C 141 -2.53 -16.71 0.68
C GLU C 141 -3.86 -16.34 -0.07
N ILE C 142 -4.83 -17.25 -0.03
CA ILE C 142 -6.09 -17.12 -0.71
C ILE C 142 -6.99 -15.99 -0.14
N SER C 143 -7.24 -16.02 1.16
CA SER C 143 -7.99 -14.97 1.84
C SER C 143 -7.26 -13.62 1.61
N ARG C 144 -5.92 -13.61 1.51
CA ARG C 144 -5.26 -12.34 1.20
C ARG C 144 -5.44 -11.88 -0.26
N ALA C 145 -5.33 -12.81 -1.19
CA ALA C 145 -5.45 -12.44 -2.59
C ALA C 145 -6.90 -11.99 -2.92
N GLY C 146 -7.86 -12.47 -2.16
CA GLY C 146 -9.26 -12.12 -2.40
C GLY C 146 -9.73 -11.06 -1.44
N GLY C 147 -8.78 -10.46 -0.72
CA GLY C 147 -9.06 -9.45 0.27
C GLY C 147 -8.88 -8.03 -0.15
N PRO C 148 -9.02 -7.10 0.79
CA PRO C 148 -8.92 -5.66 0.52
C PRO C 148 -7.75 -5.13 -0.20
N GLU C 149 -6.61 -5.78 -0.03
CA GLU C 149 -5.38 -5.36 -0.69
C GLU C 149 -5.07 -6.20 -1.90
N GLY C 150 -5.97 -7.10 -2.25
CA GLY C 150 -5.77 -7.97 -3.38
C GLY C 150 -6.77 -7.63 -4.48
N MET C 151 -7.56 -8.63 -4.89
CA MET C 151 -8.51 -8.44 -5.96
C MET C 151 -9.41 -7.26 -5.77
N ILE C 152 -9.85 -7.03 -4.55
CA ILE C 152 -10.75 -5.90 -4.27
C ILE C 152 -10.09 -4.60 -4.57
N SER C 153 -8.77 -4.48 -4.40
CA SER C 153 -8.15 -3.22 -4.75
C SER C 153 -8.22 -3.08 -6.24
N GLY C 154 -7.97 -4.15 -6.97
CA GLY C 154 -8.03 -4.04 -8.42
C GLY C 154 -9.48 -3.71 -8.90
N LEU C 155 -10.49 -4.38 -8.39
CA LEU C 155 -11.87 -4.09 -8.78
C LEU C 155 -12.24 -2.59 -8.49
N HIS C 156 -11.82 -2.08 -7.33
CA HIS C 156 -12.11 -0.72 -6.93
C HIS C 156 -11.49 0.29 -7.87
N ARG C 157 -10.19 0.17 -8.15
CA ARG C 157 -9.51 1.11 -9.03
C ARG C 157 -9.98 0.98 -10.47
N GLU C 158 -10.43 -0.19 -10.89
CA GLU C 158 -10.88 -0.37 -12.24
C GLU C 158 -12.03 0.59 -12.54
N GLU C 159 -12.81 0.92 -11.52
CA GLU C 159 -13.93 1.83 -11.71
C GLU C 159 -13.49 3.21 -12.10
N GLU C 160 -12.21 3.47 -11.98
CA GLU C 160 -11.68 4.80 -12.31
C GLU C 160 -11.17 4.83 -13.77
N ILE C 161 -11.23 3.69 -14.44
CA ILE C 161 -10.75 3.64 -15.82
C ILE C 161 -11.76 4.25 -16.78
N VAL C 162 -11.28 5.21 -17.54
CA VAL C 162 -12.06 5.91 -18.54
C VAL C 162 -11.43 5.56 -19.88
N ASP C 163 -12.00 4.56 -20.56
CA ASP C 163 -11.58 4.06 -21.90
C ASP C 163 -10.86 5.18 -22.68
N GLY C 164 -11.36 6.40 -22.48
CA GLY C 164 -10.81 7.57 -23.12
C GLY C 164 -9.36 7.86 -22.78
N ASN C 165 -9.14 8.67 -21.75
CA ASN C 165 -7.81 9.10 -21.36
C ASN C 165 -7.17 8.44 -20.10
N THR C 166 -6.94 7.13 -20.12
CA THR C 166 -6.25 6.49 -18.97
C THR C 166 -5.12 5.63 -19.52
N SER C 167 -3.94 5.89 -18.98
CA SER C 167 -2.70 5.24 -19.39
C SER C 167 -2.61 3.74 -19.34
N LEU C 168 -1.70 3.21 -20.12
CA LEU C 168 -1.43 1.80 -20.08
C LEU C 168 -0.90 1.46 -18.70
N ASP C 169 -0.11 2.35 -18.10
CA ASP C 169 0.45 2.08 -16.76
C ASP C 169 -0.60 1.79 -15.69
N PHE C 170 -1.67 2.58 -15.71
CA PHE C 170 -2.75 2.46 -14.75
C PHE C 170 -3.55 1.15 -14.97
N ILE C 171 -3.77 0.81 -16.25
CA ILE C 171 -4.50 -0.38 -16.62
C ILE C 171 -3.69 -1.60 -16.21
N GLU C 172 -2.38 -1.55 -16.44
CA GLU C 172 -1.52 -2.68 -16.05
C GLU C 172 -1.60 -2.86 -14.51
N TYR C 173 -1.62 -1.75 -13.76
CA TYR C 173 -1.70 -1.90 -12.34
C TYR C 173 -3.03 -2.57 -11.93
N VAL C 174 -4.16 -2.13 -12.51
CA VAL C 174 -5.42 -2.79 -12.22
C VAL C 174 -5.33 -4.28 -12.58
N CYS C 175 -4.75 -4.62 -13.72
CA CYS C 175 -4.67 -6.05 -14.07
C CYS C 175 -3.79 -6.80 -13.07
N LYS C 176 -2.79 -6.10 -12.54
CA LYS C 176 -1.87 -6.75 -11.60
C LYS C 176 -2.63 -7.08 -10.31
N LYS C 177 -3.42 -6.10 -9.82
CA LYS C 177 -4.19 -6.33 -8.63
C LYS C 177 -5.37 -7.26 -8.84
N LYS C 178 -6.09 -7.09 -9.94
CA LYS C 178 -7.27 -7.89 -10.17
C LYS C 178 -6.97 -9.31 -10.57
N TYR C 179 -5.97 -9.50 -11.42
CA TYR C 179 -5.66 -10.85 -11.90
C TYR C 179 -4.26 -11.34 -11.41
N GLY C 180 -3.26 -10.48 -11.55
CA GLY C 180 -1.91 -10.87 -11.16
C GLY C 180 -1.70 -11.43 -9.77
N GLU C 181 -2.25 -10.76 -8.76
CA GLU C 181 -2.09 -11.26 -7.40
C GLU C 181 -2.74 -12.62 -7.20
N MET C 182 -3.86 -12.90 -7.88
CA MET C 182 -4.55 -14.18 -7.69
C MET C 182 -3.76 -15.29 -8.36
N HIS C 183 -3.20 -14.95 -9.52
CA HIS C 183 -2.39 -15.92 -10.25
C HIS C 183 -1.11 -16.23 -9.42
N ALA C 184 -0.46 -15.19 -8.92
CA ALA C 184 0.72 -15.30 -8.05
C ALA C 184 0.37 -16.17 -6.86
N CYS C 185 -0.85 -15.99 -6.35
CA CYS C 185 -1.33 -16.77 -5.21
C CYS C 185 -1.49 -18.21 -5.58
N GLY C 186 -1.97 -18.47 -6.81
CA GLY C 186 -2.18 -19.85 -7.24
C GLY C 186 -0.82 -20.55 -7.44
N ALA C 187 0.13 -19.97 -8.13
CA ALA C 187 1.42 -20.63 -8.33
C ALA C 187 2.07 -20.82 -6.95
N ALA C 188 2.05 -19.80 -6.10
CA ALA C 188 2.62 -19.94 -4.76
C ALA C 188 2.00 -21.07 -3.95
N CYS C 189 0.69 -21.17 -3.95
CA CYS C 189 0.04 -22.21 -3.19
C CYS C 189 0.39 -23.59 -3.71
N GLY C 190 0.47 -23.69 -5.04
CA GLY C 190 0.79 -24.96 -5.67
C GLY C 190 2.16 -25.36 -5.17
N ALA C 191 3.09 -24.42 -5.27
CA ALA C 191 4.43 -24.66 -4.85
C ALA C 191 4.39 -25.06 -3.41
N ILE C 192 3.71 -24.27 -2.56
CA ILE C 192 3.66 -24.59 -1.14
C ILE C 192 3.21 -25.99 -0.81
N LEU C 193 2.07 -26.39 -1.39
CA LEU C 193 1.47 -27.69 -1.18
C LEU C 193 2.27 -28.85 -1.81
N GLY C 194 3.10 -28.52 -2.80
CA GLY C 194 3.91 -29.53 -3.46
C GLY C 194 5.00 -29.87 -2.48
N GLY C 195 5.57 -28.87 -1.84
CA GLY C 195 6.59 -29.09 -0.84
C GLY C 195 7.82 -28.28 -1.15
N ALA C 196 7.73 -27.33 -2.05
CA ALA C 196 8.90 -26.55 -2.38
C ALA C 196 9.48 -25.78 -1.21
N ALA C 197 10.55 -25.08 -1.52
CA ALA C 197 11.23 -24.25 -0.54
C ALA C 197 11.02 -22.77 -0.92
N GLU C 198 11.09 -21.94 0.10
CA GLU C 198 10.89 -20.54 -0.08
C GLU C 198 11.40 -19.96 -1.38
N GLU C 199 12.62 -20.32 -1.77
CA GLU C 199 13.19 -19.79 -3.01
C GLU C 199 12.35 -20.13 -4.25
N GLU C 200 11.86 -21.37 -4.30
CA GLU C 200 11.04 -21.78 -5.43
C GLU C 200 9.66 -21.14 -5.40
N ILE C 201 9.09 -21.12 -4.20
CA ILE C 201 7.79 -20.50 -3.98
C ILE C 201 7.85 -19.06 -4.50
N GLN C 202 8.84 -18.27 -4.09
CA GLN C 202 8.93 -16.89 -4.56
C GLN C 202 9.09 -16.78 -6.06
N LYS C 203 9.85 -17.69 -6.62
CA LYS C 203 10.02 -17.62 -8.06
C LYS C 203 8.67 -17.88 -8.76
N LEU C 204 7.99 -18.93 -8.34
CA LEU C 204 6.68 -19.30 -8.90
C LEU C 204 5.63 -18.23 -8.56
N ARG C 205 5.74 -17.61 -7.39
CA ARG C 205 4.81 -16.54 -7.03
C ARG C 205 4.98 -15.51 -8.09
N ASN C 206 6.22 -15.01 -8.23
CA ASN C 206 6.57 -13.97 -9.20
C ASN C 206 6.20 -14.28 -10.63
N PHE C 207 6.27 -15.54 -10.99
CA PHE C 207 5.93 -15.91 -12.34
C PHE C 207 4.40 -15.73 -12.47
N GLY C 208 3.68 -16.18 -11.45
CA GLY C 208 2.22 -16.07 -11.48
C GLY C 208 1.80 -14.63 -11.58
N LEU C 209 2.48 -13.80 -10.80
CA LEU C 209 2.19 -12.36 -10.79
C LEU C 209 2.27 -11.79 -12.20
N TYR C 210 3.37 -12.07 -12.89
CA TYR C 210 3.51 -11.52 -14.23
C TYR C 210 2.57 -12.14 -15.26
N GLN C 211 2.39 -13.43 -15.18
CA GLN C 211 1.54 -14.10 -16.16
C GLN C 211 0.07 -13.61 -16.02
N GLY C 212 -0.40 -13.58 -14.78
CA GLY C 212 -1.73 -13.08 -14.47
C GLY C 212 -1.87 -11.66 -14.97
N THR C 213 -0.87 -10.80 -14.75
CA THR C 213 -0.99 -9.43 -15.22
C THR C 213 -1.06 -9.46 -16.74
N LEU C 214 -0.21 -10.29 -17.36
CA LEU C 214 -0.20 -10.35 -18.81
C LEU C 214 -1.58 -10.78 -19.29
N ARG C 215 -2.10 -11.86 -18.72
CA ARG C 215 -3.44 -12.31 -19.08
C ARG C 215 -4.46 -11.16 -18.89
N GLY C 216 -4.42 -10.46 -17.77
CA GLY C 216 -5.39 -9.39 -17.60
C GLY C 216 -5.34 -8.38 -18.72
N MET C 217 -4.13 -8.09 -19.19
CA MET C 217 -3.96 -7.13 -20.26
C MET C 217 -4.56 -7.65 -21.58
N MET C 218 -4.47 -8.96 -21.80
CA MET C 218 -5.05 -9.61 -22.98
C MET C 218 -6.56 -9.38 -22.96
N GLU C 219 -7.20 -9.71 -21.85
CA GLU C 219 -8.63 -9.53 -21.71
C GLU C 219 -9.05 -8.09 -21.89
N MET C 220 -8.24 -7.16 -21.39
CA MET C 220 -8.58 -5.75 -21.53
C MET C 220 -8.02 -5.21 -22.83
N LYS C 221 -7.30 -6.06 -23.57
CA LYS C 221 -6.73 -5.68 -24.85
C LYS C 221 -7.86 -5.48 -25.85
N ASN C 222 -8.85 -6.37 -25.77
CA ASN C 222 -10.00 -6.37 -26.66
C ASN C 222 -10.98 -5.24 -26.30
N SER C 223 -10.53 -4.33 -25.44
CA SER C 223 -11.35 -3.21 -24.99
C SER C 223 -10.63 -1.89 -25.28
N HIS C 224 -9.43 -1.74 -24.73
CA HIS C 224 -8.65 -0.51 -24.89
C HIS C 224 -7.48 -0.73 -25.86
N GLN C 225 -7.82 -0.69 -27.15
CA GLN C 225 -6.85 -0.90 -28.21
C GLN C 225 -5.73 0.13 -28.13
N LEU C 226 -4.67 -0.25 -27.44
CA LEU C 226 -3.50 0.61 -27.24
C LEU C 226 -2.34 -0.26 -26.77
N ILE C 227 -2.67 -1.48 -26.33
CA ILE C 227 -1.66 -2.41 -25.83
C ILE C 227 -0.52 -2.65 -26.79
N ASP C 228 0.51 -1.82 -26.69
CA ASP C 228 1.66 -2.01 -27.56
C ASP C 228 2.27 -3.37 -27.20
N GLU C 229 2.88 -4.00 -28.19
CA GLU C 229 3.52 -5.30 -28.00
C GLU C 229 4.66 -5.19 -26.99
N ASN C 230 5.04 -3.96 -26.65
CA ASN C 230 6.12 -3.69 -25.68
C ASN C 230 5.71 -4.13 -24.29
N ILE C 231 4.51 -3.71 -23.87
CA ILE C 231 3.97 -4.07 -22.58
C ILE C 231 3.94 -5.59 -22.44
N ILE C 232 3.37 -6.28 -23.43
CA ILE C 232 3.28 -7.74 -23.44
C ILE C 232 4.66 -8.45 -23.45
N GLY C 233 5.57 -7.97 -24.27
CA GLY C 233 6.88 -8.59 -24.31
C GLY C 233 7.54 -8.42 -22.96
N LYS C 234 7.42 -7.21 -22.39
CA LYS C 234 7.97 -6.90 -21.07
C LYS C 234 7.50 -7.92 -20.05
N LEU C 235 6.18 -8.06 -19.98
CA LEU C 235 5.60 -8.96 -19.01
C LEU C 235 6.00 -10.38 -19.27
N LYS C 236 6.07 -10.71 -20.55
CA LYS C 236 6.40 -12.04 -21.03
C LYS C 236 7.84 -12.33 -20.59
N GLU C 237 8.70 -11.33 -20.80
CA GLU C 237 10.08 -11.48 -20.47
C GLU C 237 10.23 -11.62 -18.96
N LEU C 238 9.50 -10.75 -18.24
CA LEU C 238 9.56 -10.76 -16.81
C LEU C 238 9.18 -12.13 -16.26
N ALA C 239 8.13 -12.73 -16.83
CA ALA C 239 7.69 -14.05 -16.36
C ALA C 239 8.74 -15.14 -16.56
N LEU C 240 9.12 -15.37 -17.81
CA LEU C 240 10.09 -16.41 -18.15
C LEU C 240 11.33 -16.37 -17.24
N GLU C 241 11.85 -15.17 -17.00
CA GLU C 241 13.02 -15.06 -16.15
C GLU C 241 12.79 -15.83 -14.86
N GLU C 242 11.65 -15.65 -14.23
CA GLU C 242 11.40 -16.31 -12.96
C GLU C 242 11.46 -17.81 -13.06
N LEU C 243 11.17 -18.32 -14.24
CA LEU C 243 11.17 -19.77 -14.45
C LEU C 243 12.57 -20.29 -14.77
N GLY C 244 13.44 -19.38 -15.19
CA GLY C 244 14.82 -19.74 -15.51
C GLY C 244 15.38 -20.40 -14.26
N GLY C 245 15.47 -21.73 -14.27
CA GLY C 245 15.97 -22.45 -13.12
C GLY C 245 15.10 -23.66 -12.82
N PHE C 246 14.19 -23.99 -13.74
CA PHE C 246 13.29 -25.13 -13.59
C PHE C 246 13.44 -25.91 -14.88
N HIS C 247 13.93 -27.14 -14.80
CA HIS C 247 14.15 -27.94 -15.99
C HIS C 247 13.36 -29.24 -15.95
N GLY C 248 12.91 -29.68 -17.11
CA GLY C 248 12.15 -30.92 -17.16
C GLY C 248 11.02 -30.81 -18.16
N LYS C 249 10.01 -31.66 -17.99
CA LYS C 249 8.85 -31.68 -18.89
C LYS C 249 7.89 -30.52 -18.58
N ASN C 250 7.50 -30.42 -17.30
CA ASN C 250 6.57 -29.41 -16.84
C ASN C 250 7.16 -28.05 -17.03
N ALA C 251 8.48 -27.97 -16.89
CA ALA C 251 9.21 -26.72 -17.06
C ALA C 251 8.85 -26.03 -18.38
N GLU C 252 8.73 -26.81 -19.45
CA GLU C 252 8.39 -26.23 -20.74
C GLU C 252 6.90 -25.99 -20.82
N LEU C 253 6.16 -26.77 -20.04
CA LEU C 253 4.70 -26.63 -19.97
C LEU C 253 4.36 -25.28 -19.32
N MET C 254 4.90 -25.10 -18.12
CA MET C 254 4.70 -23.88 -17.36
C MET C 254 5.18 -22.74 -18.27
N SER C 255 6.29 -22.98 -18.95
CA SER C 255 6.86 -21.98 -19.83
C SER C 255 5.95 -21.65 -21.01
N SER C 256 5.11 -22.62 -21.38
CA SER C 256 4.20 -22.44 -22.51
C SER C 256 3.00 -21.54 -22.18
N LEU C 257 2.68 -21.44 -20.90
CA LEU C 257 1.57 -20.60 -20.46
C LEU C 257 1.75 -19.15 -20.92
N VAL C 258 2.96 -18.63 -20.78
CA VAL C 258 3.24 -17.25 -21.20
C VAL C 258 3.76 -17.20 -22.63
N ALA C 259 4.39 -18.28 -23.08
CA ALA C 259 4.95 -18.39 -24.43
C ALA C 259 4.10 -19.31 -25.34
N MET D 1 -22.03 -13.59 43.60
CA MET D 1 -22.96 -12.78 42.76
C MET D 1 -22.19 -12.48 41.50
N PHE D 2 -22.88 -12.46 40.36
CA PHE D 2 -22.23 -12.14 39.07
C PHE D 2 -22.75 -10.87 38.46
N ASP D 3 -21.87 -9.90 38.29
CA ASP D 3 -22.21 -8.62 37.71
C ASP D 3 -22.08 -8.71 36.17
N PHE D 4 -23.20 -9.02 35.52
CA PHE D 4 -23.24 -9.15 34.06
C PHE D 4 -22.97 -7.83 33.31
N ASP D 5 -23.57 -6.71 33.75
CA ASP D 5 -23.34 -5.43 33.08
C ASP D 5 -21.85 -5.12 33.06
N GLY D 6 -21.18 -5.38 34.17
CA GLY D 6 -19.75 -5.07 34.25
C GLY D 6 -18.95 -5.93 33.31
N TYR D 7 -19.28 -7.22 33.27
CA TYR D 7 -18.59 -8.23 32.41
C TYR D 7 -18.69 -7.88 30.91
N MET D 8 -19.90 -7.64 30.45
CA MET D 8 -20.07 -7.34 29.04
C MET D 8 -19.40 -6.04 28.70
N LEU D 9 -19.42 -5.12 29.66
CA LEU D 9 -18.84 -3.82 29.41
C LEU D 9 -17.40 -3.97 29.07
N ARG D 10 -16.66 -4.68 29.91
CA ARG D 10 -15.24 -4.82 29.63
C ARG D 10 -14.93 -5.80 28.51
N LYS D 11 -15.81 -6.79 28.26
CA LYS D 11 -15.53 -7.71 27.15
C LYS D 11 -15.73 -6.92 25.83
N ALA D 12 -16.81 -6.15 25.72
CA ALA D 12 -17.07 -5.32 24.55
C ALA D 12 -15.97 -4.30 24.35
N LYS D 13 -15.51 -3.69 25.43
CA LYS D 13 -14.41 -2.73 25.31
C LYS D 13 -13.24 -3.43 24.70
N SER D 14 -12.91 -4.60 25.25
CA SER D 14 -11.76 -5.37 24.75
C SER D 14 -11.97 -5.71 23.26
N VAL D 15 -13.17 -6.14 22.91
CA VAL D 15 -13.45 -6.47 21.54
C VAL D 15 -13.36 -5.25 20.61
N ASN D 16 -13.97 -4.12 20.98
CA ASN D 16 -13.91 -2.92 20.17
C ASN D 16 -12.51 -2.42 19.97
N LYS D 17 -11.67 -2.56 21.00
CA LYS D 17 -10.32 -2.16 20.86
C LYS D 17 -9.57 -3.07 19.88
N ALA D 18 -9.90 -4.34 19.78
CA ALA D 18 -9.15 -5.24 18.88
C ALA D 18 -9.67 -5.11 17.44
N LEU D 19 -10.95 -4.77 17.30
CA LEU D 19 -11.51 -4.58 15.99
C LEU D 19 -10.83 -3.37 15.34
N GLU D 20 -10.65 -2.32 16.13
CA GLU D 20 -10.03 -1.10 15.64
C GLU D 20 -8.59 -1.39 15.24
N ALA D 21 -7.85 -2.16 16.04
CA ALA D 21 -6.43 -2.45 15.67
C ALA D 21 -6.34 -3.37 14.48
N ALA D 22 -7.31 -4.28 14.34
CA ALA D 22 -7.24 -5.24 13.23
C ALA D 22 -7.52 -4.67 11.84
N VAL D 23 -8.41 -3.67 11.79
CA VAL D 23 -8.81 -3.10 10.51
C VAL D 23 -8.43 -1.62 10.49
N GLN D 24 -7.19 -1.34 10.07
CA GLN D 24 -6.65 0.03 10.02
C GLN D 24 -6.95 0.76 8.69
N MET D 25 -6.81 2.07 8.65
CA MET D 25 -6.98 2.80 7.39
C MET D 25 -5.67 2.57 6.63
N LYS D 26 -5.77 2.27 5.34
CA LYS D 26 -4.60 2.10 4.48
C LYS D 26 -5.15 2.08 3.06
N GLU D 27 -4.31 2.15 2.05
CA GLU D 27 -4.80 2.15 0.69
C GLU D 27 -5.44 0.81 0.25
N PRO D 28 -6.56 0.83 -0.51
CA PRO D 28 -7.36 1.93 -1.07
C PRO D 28 -8.14 2.50 0.07
N LEU D 29 -7.99 3.78 0.27
CA LEU D 29 -8.65 4.40 1.40
C LEU D 29 -10.16 4.24 1.50
N LYS D 30 -10.91 4.47 0.44
CA LYS D 30 -12.38 4.37 0.56
C LYS D 30 -12.87 2.95 0.95
N ILE D 31 -12.19 1.89 0.49
CA ILE D 31 -12.59 0.54 0.83
C ILE D 31 -12.37 0.33 2.32
N HIS D 32 -11.25 0.81 2.85
CA HIS D 32 -10.97 0.58 4.25
C HIS D 32 -11.80 1.52 5.13
N GLU D 33 -12.06 2.72 4.63
CA GLU D 33 -12.88 3.59 5.41
C GLU D 33 -14.25 2.95 5.50
N SER D 34 -14.75 2.41 4.38
CA SER D 34 -16.10 1.78 4.39
C SER D 34 -16.13 0.57 5.34
N MET D 35 -15.03 -0.21 5.39
CA MET D 35 -14.97 -1.37 6.28
C MET D 35 -15.09 -0.89 7.71
N ARG D 36 -14.32 0.13 8.06
CA ARG D 36 -14.37 0.63 9.44
C ARG D 36 -15.67 1.34 9.78
N TYR D 37 -16.26 2.03 8.80
CA TYR D 37 -17.51 2.76 9.06
C TYR D 37 -18.58 1.82 9.61
N SER D 38 -18.81 0.67 8.99
CA SER D 38 -19.80 -0.21 9.57
C SER D 38 -19.27 -1.10 10.71
N LEU D 39 -18.01 -1.53 10.65
CA LEU D 39 -17.47 -2.44 11.71
C LEU D 39 -17.34 -1.73 13.04
N LEU D 40 -16.78 -0.54 13.04
CA LEU D 40 -16.58 0.11 14.30
C LEU D 40 -17.71 1.05 14.71
N ALA D 41 -18.81 1.05 13.94
CA ALA D 41 -19.97 1.89 14.25
C ALA D 41 -20.51 1.55 15.65
N GLY D 42 -20.84 0.31 15.96
CA GLY D 42 -21.33 0.08 17.32
C GLY D 42 -22.38 -1.01 17.59
N GLY D 43 -22.04 -2.27 17.35
CA GLY D 43 -23.00 -3.33 17.65
C GLY D 43 -22.84 -3.79 19.09
N LYS D 44 -23.69 -4.68 19.55
CA LYS D 44 -23.60 -5.20 20.92
C LYS D 44 -22.39 -6.16 21.08
N ARG D 45 -21.88 -6.70 19.97
CA ARG D 45 -20.73 -7.62 20.02
C ARG D 45 -21.10 -8.90 20.76
N VAL D 46 -22.33 -9.35 20.55
CA VAL D 46 -22.78 -10.59 21.17
C VAL D 46 -22.00 -11.80 20.66
N ARG D 47 -21.75 -11.81 19.36
CA ARG D 47 -21.06 -12.93 18.76
C ARG D 47 -19.64 -13.01 19.26
N PRO D 48 -18.86 -11.91 19.20
CA PRO D 48 -17.48 -12.05 19.73
C PRO D 48 -17.45 -12.36 21.25
N MET D 49 -18.43 -11.83 22.01
CA MET D 49 -18.47 -12.16 23.45
C MET D 49 -18.80 -13.65 23.67
N LEU D 50 -19.70 -14.22 22.86
CA LEU D 50 -20.05 -15.62 22.99
C LEU D 50 -18.76 -16.46 22.65
N CYS D 51 -18.02 -16.06 21.64
CA CYS D 51 -16.83 -16.80 21.26
C CYS D 51 -15.82 -16.79 22.42
N ILE D 52 -15.53 -15.63 22.98
CA ILE D 52 -14.61 -15.52 24.09
C ILE D 52 -15.09 -16.27 25.34
N ALA D 53 -16.38 -16.17 25.63
CA ALA D 53 -16.92 -16.81 26.82
C ALA D 53 -16.85 -18.35 26.70
N ALA D 54 -17.06 -18.89 25.52
CA ALA D 54 -17.02 -20.34 25.33
C ALA D 54 -15.57 -20.80 25.41
N CYS D 55 -14.66 -19.98 24.94
CA CYS D 55 -13.24 -20.31 25.04
C CYS D 55 -12.84 -20.41 26.54
N GLU D 56 -13.22 -19.39 27.32
CA GLU D 56 -12.92 -19.26 28.77
C GLU D 56 -13.55 -20.37 29.59
N LEU D 57 -14.79 -20.70 29.26
CA LEU D 57 -15.52 -21.77 29.92
C LEU D 57 -14.80 -23.11 29.90
N VAL D 58 -14.17 -23.46 28.77
CA VAL D 58 -13.48 -24.74 28.68
C VAL D 58 -12.00 -24.74 29.10
N GLY D 59 -11.50 -23.62 29.61
CA GLY D 59 -10.11 -23.60 30.04
C GLY D 59 -9.20 -22.61 29.38
N GLY D 60 -9.53 -22.13 28.16
CA GLY D 60 -8.68 -21.19 27.45
C GLY D 60 -8.74 -19.77 27.88
N ASP D 61 -7.95 -18.91 27.26
CA ASP D 61 -8.00 -17.48 27.61
C ASP D 61 -8.43 -16.65 26.42
N GLU D 62 -8.90 -15.43 26.72
CA GLU D 62 -9.35 -14.46 25.74
C GLU D 62 -8.34 -14.25 24.56
N SER D 63 -7.08 -13.97 24.88
CA SER D 63 -6.12 -13.73 23.82
C SER D 63 -6.12 -14.77 22.67
N THR D 64 -6.32 -16.04 22.99
CA THR D 64 -6.35 -17.09 21.99
C THR D 64 -7.59 -17.01 21.09
N ALA D 65 -8.67 -16.56 21.66
CA ALA D 65 -9.92 -16.46 20.91
C ALA D 65 -10.20 -15.08 20.29
N MET D 66 -9.42 -14.07 20.63
CA MET D 66 -9.72 -12.73 20.15
C MET D 66 -9.76 -12.66 18.64
N PRO D 67 -8.76 -13.24 17.92
CA PRO D 67 -8.87 -13.14 16.46
C PRO D 67 -10.14 -13.81 15.86
N ALA D 68 -10.51 -15.00 16.35
CA ALA D 68 -11.68 -15.64 15.82
C ALA D 68 -12.91 -14.81 16.21
N ALA D 69 -12.87 -14.24 17.41
CA ALA D 69 -13.96 -13.43 17.92
C ALA D 69 -14.17 -12.22 17.02
N CYS D 70 -13.08 -11.59 16.60
CA CYS D 70 -13.10 -10.44 15.72
C CYS D 70 -13.57 -10.87 14.34
N ALA D 71 -13.16 -12.08 13.94
CA ALA D 71 -13.54 -12.59 12.66
C ALA D 71 -15.05 -12.78 12.58
N VAL D 72 -15.68 -13.35 13.60
CA VAL D 72 -17.13 -13.58 13.51
C VAL D 72 -17.86 -12.20 13.48
N GLU D 73 -17.28 -11.20 14.09
CA GLU D 73 -17.93 -9.88 14.09
C GLU D 73 -17.69 -9.22 12.73
N MET D 74 -16.61 -9.60 12.05
CA MET D 74 -16.37 -9.01 10.75
C MET D 74 -17.34 -9.57 9.75
N ILE D 75 -17.55 -10.90 9.83
CA ILE D 75 -18.45 -11.56 8.93
C ILE D 75 -19.91 -11.12 9.25
N HIS D 76 -20.23 -10.98 10.52
CA HIS D 76 -21.56 -10.54 10.94
C HIS D 76 -21.81 -9.14 10.37
N THR D 77 -20.82 -8.27 10.47
CA THR D 77 -20.91 -6.88 9.97
C THR D 77 -21.12 -6.79 8.47
N MET D 78 -20.32 -7.55 7.71
CA MET D 78 -20.52 -7.45 6.30
C MET D 78 -21.88 -8.09 5.92
N SER D 79 -22.40 -9.00 6.73
CA SER D 79 -23.64 -9.57 6.35
C SER D 79 -24.81 -8.53 6.50
N LEU D 80 -24.66 -7.57 7.41
CA LEU D 80 -25.67 -6.50 7.62
C LEU D 80 -25.50 -5.46 6.53
N MET D 81 -24.23 -5.19 6.14
CA MET D 81 -23.95 -4.24 5.06
C MET D 81 -24.60 -4.72 3.78
N HIS D 82 -24.47 -6.01 3.51
CA HIS D 82 -25.03 -6.58 2.30
C HIS D 82 -26.56 -6.68 2.43
N ASP D 83 -27.05 -6.93 3.65
CA ASP D 83 -28.49 -7.09 3.91
C ASP D 83 -29.24 -5.77 3.72
N ASP D 84 -28.55 -4.69 4.00
CA ASP D 84 -29.14 -3.35 3.90
C ASP D 84 -29.26 -2.79 2.50
N LEU D 85 -28.52 -3.35 1.52
CA LEU D 85 -28.47 -2.83 0.15
C LEU D 85 -29.84 -2.82 -0.51
N PRO D 86 -30.01 -1.93 -1.52
CA PRO D 86 -31.26 -1.77 -2.30
C PRO D 86 -31.77 -3.07 -2.86
N CYS D 87 -30.91 -3.94 -3.40
CA CYS D 87 -31.37 -5.24 -3.93
C CYS D 87 -31.79 -6.20 -2.84
N MET D 88 -31.46 -5.85 -1.59
CA MET D 88 -31.82 -6.69 -0.44
C MET D 88 -32.96 -6.07 0.39
N ASP D 89 -32.69 -5.59 1.62
CA ASP D 89 -33.77 -5.00 2.43
C ASP D 89 -33.91 -3.53 2.16
N ASN D 90 -32.92 -2.93 1.49
CA ASN D 90 -32.96 -1.52 1.15
C ASN D 90 -33.26 -0.61 2.33
N ASP D 91 -32.35 -0.55 3.31
CA ASP D 91 -32.55 0.27 4.49
C ASP D 91 -31.69 1.49 4.50
N ASP D 92 -32.06 2.43 5.34
CA ASP D 92 -31.31 3.66 5.44
C ASP D 92 -30.64 3.89 6.78
N LEU D 93 -30.92 3.08 7.79
CA LEU D 93 -30.24 3.26 9.07
C LEU D 93 -29.75 1.88 9.60
N ARG D 94 -28.54 1.88 10.15
CA ARG D 94 -27.91 0.66 10.73
C ARG D 94 -26.89 1.13 11.74
N ARG D 95 -26.97 0.60 12.96
CA ARG D 95 -26.08 0.97 14.04
C ARG D 95 -26.08 2.48 14.29
N GLY D 96 -27.28 3.09 14.20
CA GLY D 96 -27.39 4.51 14.49
C GLY D 96 -26.89 5.48 13.43
N LYS D 97 -26.60 5.01 12.22
CA LYS D 97 -26.17 5.99 11.22
C LYS D 97 -26.60 5.62 9.83
N PRO D 98 -26.45 6.53 8.87
CA PRO D 98 -26.90 6.09 7.55
C PRO D 98 -26.18 4.77 7.15
N THR D 99 -26.90 3.90 6.48
CA THR D 99 -26.37 2.63 6.02
C THR D 99 -25.17 2.82 5.08
N ASN D 100 -24.25 1.86 5.14
CA ASN D 100 -23.01 1.93 4.36
C ASN D 100 -23.18 2.38 2.90
N HIS D 101 -24.01 1.73 2.10
CA HIS D 101 -24.17 2.18 0.70
C HIS D 101 -24.63 3.67 0.52
N MET D 102 -25.38 4.19 1.50
CA MET D 102 -25.75 5.61 1.41
C MET D 102 -24.52 6.48 1.62
N ALA D 103 -23.62 6.06 2.49
CA ALA D 103 -22.43 6.87 2.70
C ALA D 103 -21.29 6.67 1.66
N PHE D 104 -21.21 5.51 1.01
CA PHE D 104 -20.10 5.29 0.09
C PHE D 104 -20.53 4.84 -1.27
N GLY D 105 -21.82 4.60 -1.45
CA GLY D 105 -22.27 4.12 -2.75
C GLY D 105 -22.40 2.61 -2.70
N GLU D 106 -23.23 2.03 -3.56
CA GLU D 106 -23.42 0.61 -3.56
C GLU D 106 -22.16 -0.23 -3.91
N SER D 107 -21.33 0.31 -4.77
CA SER D 107 -20.16 -0.34 -5.25
C SER D 107 -19.17 -0.66 -4.12
N VAL D 108 -18.83 0.36 -3.37
CA VAL D 108 -17.95 0.31 -2.23
C VAL D 108 -18.52 -0.51 -1.06
N ALA D 109 -19.84 -0.44 -0.85
CA ALA D 109 -20.45 -1.18 0.20
C ALA D 109 -20.35 -2.66 -0.13
N VAL D 110 -20.58 -3.05 -1.38
CA VAL D 110 -20.47 -4.45 -1.70
C VAL D 110 -19.00 -4.92 -1.46
N LEU D 111 -18.07 -4.21 -2.05
CA LEU D 111 -16.67 -4.58 -1.99
C LEU D 111 -16.09 -4.57 -0.60
N ALA D 112 -16.46 -3.58 0.21
CA ALA D 112 -15.99 -3.44 1.58
C ALA D 112 -16.51 -4.61 2.35
N GLY D 113 -17.72 -5.06 1.98
CA GLY D 113 -18.38 -6.17 2.63
C GLY D 113 -17.58 -7.44 2.32
N ASP D 114 -17.29 -7.63 1.03
CA ASP D 114 -16.51 -8.76 0.54
C ASP D 114 -15.11 -8.73 1.25
N ALA D 115 -14.53 -7.57 1.48
CA ALA D 115 -13.23 -7.48 2.13
C ALA D 115 -13.28 -7.95 3.55
N LEU D 116 -14.33 -7.58 4.28
CA LEU D 116 -14.46 -8.04 5.62
C LEU D 116 -14.59 -9.58 5.70
N LEU D 117 -15.28 -10.17 4.72
CA LEU D 117 -15.51 -11.58 4.75
C LEU D 117 -14.17 -12.36 4.54
N SER D 118 -13.40 -11.95 3.60
CA SER D 118 -12.16 -12.61 3.28
C SER D 118 -11.15 -12.35 4.43
N PHE D 119 -11.10 -11.12 4.91
CA PHE D 119 -10.19 -10.75 5.92
C PHE D 119 -10.51 -11.49 7.24
N ALA D 120 -11.76 -11.84 7.48
CA ALA D 120 -12.02 -12.56 8.71
C ALA D 120 -11.21 -13.91 8.69
N PHE D 121 -11.16 -14.54 7.51
CA PHE D 121 -10.46 -15.82 7.37
C PHE D 121 -8.98 -15.58 7.46
N GLU D 122 -8.49 -14.51 6.85
CA GLU D 122 -7.08 -14.19 6.93
C GLU D 122 -6.70 -14.02 8.38
N HIS D 123 -7.44 -13.16 9.06
CA HIS D 123 -7.16 -12.84 10.39
C HIS D 123 -7.17 -13.99 11.40
N VAL D 124 -8.11 -14.93 11.31
CA VAL D 124 -8.12 -16.02 12.28
C VAL D 124 -6.98 -17.00 11.99
N ALA D 125 -6.65 -17.14 10.70
CA ALA D 125 -5.61 -18.04 10.24
C ALA D 125 -4.20 -17.51 10.57
N ALA D 126 -4.00 -16.23 10.46
CA ALA D 126 -2.68 -15.71 10.71
C ALA D 126 -2.47 -15.08 12.07
N ALA D 127 -3.54 -14.64 12.72
CA ALA D 127 -3.34 -13.99 14.01
C ALA D 127 -3.60 -14.89 15.21
N THR D 128 -4.11 -16.09 15.00
CA THR D 128 -4.36 -16.92 16.16
C THR D 128 -3.07 -17.50 16.72
N LYS D 129 -2.85 -17.33 18.02
CA LYS D 129 -1.67 -17.88 18.65
C LYS D 129 -2.18 -18.68 19.81
N GLY D 130 -1.52 -19.79 20.13
CA GLY D 130 -1.90 -20.56 21.29
C GLY D 130 -2.79 -21.70 20.92
N ALA D 131 -2.71 -22.09 19.66
CA ALA D 131 -3.51 -23.19 19.18
C ALA D 131 -2.69 -23.92 18.13
N PRO D 132 -2.76 -25.24 18.11
CA PRO D 132 -2.02 -26.01 17.11
C PRO D 132 -2.59 -25.64 15.69
N PRO D 133 -1.78 -25.75 14.63
CA PRO D 133 -2.25 -25.43 13.29
C PRO D 133 -3.50 -26.23 12.90
N GLU D 134 -3.51 -27.52 13.25
CA GLU D 134 -4.63 -28.42 12.93
C GLU D 134 -5.93 -27.94 13.60
N ARG D 135 -5.79 -27.26 14.73
CA ARG D 135 -6.93 -26.75 15.48
C ARG D 135 -7.45 -25.45 14.80
N ILE D 136 -6.52 -24.62 14.31
CA ILE D 136 -6.93 -23.42 13.61
C ILE D 136 -7.69 -23.83 12.34
N VAL D 137 -7.12 -24.77 11.60
CA VAL D 137 -7.75 -25.25 10.36
C VAL D 137 -9.16 -25.70 10.62
N ARG D 138 -9.32 -26.43 11.72
CA ARG D 138 -10.60 -26.98 12.11
C ARG D 138 -11.61 -25.85 12.36
N VAL D 139 -11.14 -24.81 13.00
CA VAL D 139 -11.97 -23.66 13.34
C VAL D 139 -12.38 -22.95 12.04
N LEU D 140 -11.43 -22.78 11.13
CA LEU D 140 -11.70 -22.12 9.85
C LEU D 140 -12.82 -22.86 9.11
N GLY D 141 -12.82 -24.20 9.16
CA GLY D 141 -13.85 -25.03 8.54
C GLY D 141 -15.18 -24.86 9.27
N GLU D 142 -15.20 -24.78 10.61
CA GLU D 142 -16.49 -24.57 11.31
C GLU D 142 -17.08 -23.19 10.93
N LEU D 143 -16.20 -22.20 10.80
CA LEU D 143 -16.60 -20.85 10.43
C LEU D 143 -17.20 -20.80 9.01
N ALA D 144 -16.50 -21.47 8.09
CA ALA D 144 -16.88 -21.59 6.70
C ALA D 144 -18.24 -22.28 6.63
N VAL D 145 -18.44 -23.36 7.35
CA VAL D 145 -19.72 -24.04 7.27
C VAL D 145 -20.86 -23.26 7.92
N SER D 146 -20.56 -22.49 8.94
CA SER D 146 -21.62 -21.78 9.61
C SER D 146 -22.12 -20.54 8.85
N ILE D 147 -21.38 -20.10 7.81
CA ILE D 147 -21.78 -18.91 7.10
C ILE D 147 -22.13 -19.09 5.62
N GLY D 148 -21.98 -20.31 5.12
CA GLY D 148 -22.23 -20.56 3.71
C GLY D 148 -23.58 -21.16 3.34
N SER D 149 -23.58 -22.02 2.32
CA SER D 149 -24.84 -22.62 1.84
C SER D 149 -25.59 -23.57 2.80
N GLU D 150 -24.99 -23.84 3.96
CA GLU D 150 -25.68 -24.68 4.95
C GLU D 150 -25.72 -23.85 6.22
N GLY D 151 -25.51 -22.55 6.07
CA GLY D 151 -25.52 -21.66 7.21
C GLY D 151 -26.16 -20.34 6.87
N LEU D 152 -25.50 -19.25 7.27
CA LEU D 152 -25.95 -17.87 7.09
C LEU D 152 -26.47 -17.57 5.70
N VAL D 153 -25.68 -17.87 4.66
CA VAL D 153 -26.16 -17.52 3.32
C VAL D 153 -27.43 -18.22 2.87
N ALA D 154 -27.59 -19.49 3.23
CA ALA D 154 -28.77 -20.23 2.86
C ALA D 154 -30.06 -19.61 3.48
N GLY D 155 -29.98 -19.26 4.76
CA GLY D 155 -31.13 -18.69 5.47
C GLY D 155 -31.52 -17.38 4.88
N GLN D 156 -30.50 -16.66 4.44
CA GLN D 156 -30.65 -15.36 3.87
C GLN D 156 -31.24 -15.47 2.42
N VAL D 157 -30.82 -16.45 1.64
CA VAL D 157 -31.38 -16.60 0.30
C VAL D 157 -32.80 -17.20 0.41
N VAL D 158 -33.02 -18.13 1.35
CA VAL D 158 -34.34 -18.70 1.48
C VAL D 158 -35.27 -17.59 2.01
N ASP D 159 -34.72 -16.62 2.74
CA ASP D 159 -35.51 -15.53 3.30
C ASP D 159 -36.02 -14.63 2.18
N VAL D 160 -35.19 -14.32 1.20
CA VAL D 160 -35.64 -13.45 0.11
C VAL D 160 -36.42 -14.19 -0.98
N CYS D 161 -36.42 -15.52 -0.94
CA CYS D 161 -37.14 -16.30 -1.95
C CYS D 161 -38.46 -16.74 -1.38
N SER D 162 -38.67 -16.43 -0.11
CA SER D 162 -39.86 -16.82 0.59
C SER D 162 -40.42 -15.59 1.26
N GLU D 163 -40.19 -14.45 0.65
CA GLU D 163 -40.65 -13.19 1.21
C GLU D 163 -42.09 -12.88 0.82
N GLY D 164 -42.60 -13.64 -0.15
CA GLY D 164 -43.98 -13.45 -0.58
C GLY D 164 -44.78 -14.71 -0.34
N MET D 165 -44.10 -15.71 0.22
CA MET D 165 -44.70 -17.01 0.52
C MET D 165 -45.83 -16.81 1.53
N ALA D 166 -47.07 -16.88 1.03
CA ALA D 166 -48.25 -16.73 1.86
C ALA D 166 -48.57 -18.06 2.57
N GLU D 167 -47.98 -19.15 2.07
CA GLU D 167 -48.17 -20.49 2.65
C GLU D 167 -47.03 -20.87 3.61
N VAL D 168 -46.78 -20.00 4.59
CA VAL D 168 -45.72 -20.19 5.59
C VAL D 168 -45.96 -21.34 6.56
N GLY D 169 -44.88 -22.05 6.89
CA GLY D 169 -44.96 -23.15 7.81
C GLY D 169 -43.91 -22.98 8.91
N LEU D 170 -44.14 -23.56 10.07
CA LEU D 170 -43.19 -23.48 11.17
C LEU D 170 -41.85 -24.05 10.73
N ASP D 171 -41.90 -25.12 9.93
CA ASP D 171 -40.70 -25.80 9.43
C ASP D 171 -39.88 -24.87 8.56
N HIS D 172 -40.57 -24.16 7.67
CA HIS D 172 -39.93 -23.21 6.77
C HIS D 172 -39.33 -22.05 7.57
N LEU D 173 -40.12 -21.48 8.46
CA LEU D 173 -39.65 -20.37 9.29
C LEU D 173 -38.45 -20.82 10.17
N GLU D 174 -38.52 -22.03 10.68
CA GLU D 174 -37.45 -22.52 11.52
C GLU D 174 -36.20 -22.59 10.64
N PHE D 175 -36.33 -23.07 9.41
CA PHE D 175 -35.16 -23.15 8.52
C PHE D 175 -34.47 -21.82 8.31
N ILE D 176 -35.27 -20.78 8.15
CA ILE D 176 -34.74 -19.48 7.91
C ILE D 176 -34.01 -18.95 9.12
N HIS D 177 -34.69 -18.88 10.26
CA HIS D 177 -34.08 -18.40 11.49
C HIS D 177 -32.83 -19.21 11.94
N HIS D 178 -32.89 -20.54 11.91
CA HIS D 178 -31.73 -21.35 12.28
C HIS D 178 -30.53 -21.03 11.38
N HIS D 179 -30.74 -20.95 10.07
CA HIS D 179 -29.66 -20.68 9.16
C HIS D 179 -29.17 -19.27 9.09
N LYS D 180 -30.11 -18.36 9.04
CA LYS D 180 -29.82 -16.96 8.88
C LYS D 180 -29.16 -16.36 10.12
N THR D 181 -29.55 -16.85 11.29
CA THR D 181 -29.05 -16.29 12.53
C THR D 181 -28.42 -17.30 13.46
N ALA D 182 -29.08 -18.43 13.70
CA ALA D 182 -28.49 -19.36 14.65
C ALA D 182 -27.16 -19.93 14.19
N ALA D 183 -27.01 -20.16 12.88
CA ALA D 183 -25.75 -20.75 12.36
C ALA D 183 -24.48 -19.95 12.70
N LEU D 184 -24.53 -18.62 12.61
CA LEU D 184 -23.34 -17.83 12.95
C LEU D 184 -23.16 -17.80 14.48
N LEU D 185 -24.26 -17.81 15.22
CA LEU D 185 -24.08 -17.81 16.67
C LEU D 185 -23.45 -19.15 17.11
N GLN D 186 -23.90 -20.26 16.55
CA GLN D 186 -23.34 -21.58 16.86
C GLN D 186 -21.85 -21.56 16.57
N GLY D 187 -21.54 -21.03 15.38
CA GLY D 187 -20.15 -20.93 14.95
C GLY D 187 -19.29 -20.15 15.94
N SER D 188 -19.83 -19.07 16.48
CA SER D 188 -19.05 -18.26 17.43
C SER D 188 -18.79 -19.07 18.73
N VAL D 189 -19.81 -19.78 19.23
CA VAL D 189 -19.68 -20.58 20.43
C VAL D 189 -18.73 -21.74 20.13
N VAL D 190 -18.90 -22.36 18.97
CA VAL D 190 -18.03 -23.47 18.61
C VAL D 190 -16.55 -23.14 18.42
N LEU D 191 -16.24 -22.02 17.73
CA LEU D 191 -14.85 -21.59 17.50
C LEU D 191 -14.16 -21.38 18.87
N GLY D 192 -14.89 -20.78 19.80
CA GLY D 192 -14.34 -20.51 21.14
C GLY D 192 -14.05 -21.80 21.90
N ALA D 193 -15.05 -22.70 21.95
CA ALA D 193 -14.92 -23.95 22.66
C ALA D 193 -13.77 -24.82 22.10
N ILE D 194 -13.61 -24.84 20.77
CA ILE D 194 -12.53 -25.61 20.13
C ILE D 194 -11.20 -24.94 20.39
N LEU D 195 -11.14 -23.62 20.29
CA LEU D 195 -9.88 -22.91 20.50
C LEU D 195 -9.55 -22.92 21.97
N GLY D 196 -10.54 -23.17 22.80
CA GLY D 196 -10.22 -23.20 24.21
C GLY D 196 -9.62 -24.54 24.67
N GLY D 197 -9.63 -25.55 23.80
CA GLY D 197 -9.13 -26.87 24.18
C GLY D 197 -10.27 -27.81 24.57
N GLY D 198 -11.52 -27.39 24.37
CA GLY D 198 -12.65 -28.21 24.77
C GLY D 198 -12.63 -29.60 24.19
N LYS D 199 -13.21 -30.54 24.94
CA LYS D 199 -13.31 -31.92 24.50
C LYS D 199 -14.55 -32.01 23.65
N GLU D 200 -14.57 -33.01 22.78
CA GLU D 200 -15.69 -33.18 21.88
C GLU D 200 -17.02 -33.11 22.54
N GLU D 201 -17.12 -33.69 23.71
CA GLU D 201 -18.41 -33.67 24.36
C GLU D 201 -18.84 -32.27 24.77
N GLU D 202 -17.91 -31.46 25.28
CA GLU D 202 -18.20 -30.08 25.70
C GLU D 202 -18.57 -29.23 24.46
N VAL D 203 -17.92 -29.48 23.33
CA VAL D 203 -18.22 -28.77 22.08
C VAL D 203 -19.64 -29.06 21.63
N ALA D 204 -20.02 -30.35 21.70
CA ALA D 204 -21.34 -30.77 21.29
C ALA D 204 -22.38 -30.16 22.18
N LYS D 205 -22.13 -30.11 23.49
CA LYS D 205 -23.11 -29.50 24.39
C LYS D 205 -23.23 -27.97 24.17
N LEU D 206 -22.12 -27.33 23.84
CA LEU D 206 -22.16 -25.90 23.56
C LEU D 206 -22.82 -25.62 22.20
N ARG D 207 -22.62 -26.51 21.22
CA ARG D 207 -23.25 -26.35 19.90
C ARG D 207 -24.80 -26.36 20.12
N LYS D 208 -25.28 -27.30 20.94
CA LYS D 208 -26.70 -27.41 21.24
C LYS D 208 -27.15 -26.15 21.97
N PHE D 209 -26.39 -25.77 22.99
CA PHE D 209 -26.70 -24.55 23.68
C PHE D 209 -26.77 -23.40 22.69
N ALA D 210 -25.78 -23.32 21.80
CA ALA D 210 -25.75 -22.19 20.86
C ALA D 210 -26.91 -22.24 19.90
N ASN D 211 -27.36 -23.45 19.59
CA ASN D 211 -28.48 -23.60 18.71
C ASN D 211 -29.73 -22.95 19.30
N CYS D 212 -29.94 -23.15 20.59
CA CYS D 212 -31.07 -22.58 21.29
C CYS D 212 -31.03 -21.09 21.32
N ILE D 213 -29.93 -20.50 21.78
CA ILE D 213 -29.86 -19.03 21.84
C ILE D 213 -29.82 -18.49 20.44
N GLY D 214 -29.31 -19.29 19.52
CA GLY D 214 -29.23 -18.87 18.12
C GLY D 214 -30.64 -18.61 17.62
N LEU D 215 -31.51 -19.61 17.81
CA LEU D 215 -32.90 -19.47 17.39
C LEU D 215 -33.56 -18.35 18.20
N LEU D 216 -33.21 -18.27 19.49
CA LEU D 216 -33.80 -17.29 20.40
C LEU D 216 -33.46 -15.87 20.00
N PHE D 217 -32.22 -15.65 19.51
CA PHE D 217 -31.77 -14.32 19.08
C PHE D 217 -32.67 -13.78 17.93
N GLN D 218 -33.10 -14.65 17.01
CA GLN D 218 -33.95 -14.22 15.89
C GLN D 218 -35.42 -14.00 16.30
N VAL D 219 -35.91 -14.80 17.24
CA VAL D 219 -37.29 -14.62 17.68
C VAL D 219 -37.30 -13.24 18.32
N VAL D 220 -36.32 -12.99 19.20
CA VAL D 220 -36.26 -11.71 19.86
C VAL D 220 -36.03 -10.59 18.85
N ASP D 221 -35.25 -10.86 17.80
CA ASP D 221 -35.08 -9.81 16.81
C ASP D 221 -36.48 -9.50 16.20
N ASP D 222 -37.19 -10.56 15.74
CA ASP D 222 -38.53 -10.42 15.11
C ASP D 222 -39.52 -9.62 16.01
N ILE D 223 -39.47 -9.83 17.33
CA ILE D 223 -40.32 -9.15 18.33
C ILE D 223 -39.94 -7.68 18.50
N LEU D 224 -38.64 -7.39 18.63
CA LEU D 224 -38.17 -6.01 18.75
C LEU D 224 -38.59 -5.20 17.50
N ASP D 225 -38.41 -5.83 16.35
CA ASP D 225 -38.76 -5.21 15.10
C ASP D 225 -40.16 -4.59 15.11
N VAL D 226 -41.10 -5.22 15.82
CA VAL D 226 -42.45 -4.70 15.89
C VAL D 226 -42.81 -3.94 17.16
N THR D 227 -41.95 -3.87 18.16
CA THR D 227 -42.32 -3.14 19.37
C THR D 227 -41.35 -2.03 19.71
N LYS D 228 -40.34 -1.84 18.86
CA LYS D 228 -39.37 -0.81 19.14
C LYS D 228 -39.27 0.12 17.92
N SER D 229 -38.88 1.37 18.17
CA SER D 229 -38.73 2.36 17.09
C SER D 229 -37.31 2.29 16.46
N SER D 230 -37.23 2.78 15.24
CA SER D 230 -35.98 2.81 14.52
C SER D 230 -34.90 3.54 15.33
N LYS D 231 -35.24 4.65 15.99
CA LYS D 231 -34.25 5.39 16.76
C LYS D 231 -33.68 4.51 17.86
N GLU D 232 -34.55 3.73 18.48
CA GLU D 232 -34.12 2.85 19.53
C GLU D 232 -33.27 1.72 19.02
N LEU D 233 -33.76 1.05 17.99
CA LEU D 233 -33.06 -0.10 17.45
C LEU D 233 -31.80 0.24 16.71
N GLY D 234 -31.62 1.50 16.33
CA GLY D 234 -30.45 1.93 15.58
C GLY D 234 -30.52 1.50 14.12
N LYS D 235 -31.65 0.95 13.70
CA LYS D 235 -31.78 0.54 12.32
C LYS D 235 -33.24 0.72 11.91
N THR D 236 -33.49 0.69 10.62
CA THR D 236 -34.85 0.81 10.10
C THR D 236 -35.71 -0.32 10.67
N ALA D 237 -36.71 0.03 11.49
CA ALA D 237 -37.59 -0.97 12.09
C ALA D 237 -39.03 -0.85 11.62
N GLY D 238 -39.68 -1.99 11.43
CA GLY D 238 -41.08 -2.01 11.01
C GLY D 238 -41.38 -2.44 9.58
N LYS D 239 -40.35 -2.72 8.80
CA LYS D 239 -40.53 -3.12 7.41
C LYS D 239 -40.75 -4.62 7.24
N ASP D 240 -40.61 -5.38 8.32
CA ASP D 240 -40.82 -6.82 8.25
C ASP D 240 -42.33 -7.11 8.27
N LEU D 241 -43.11 -6.15 8.76
CA LEU D 241 -44.55 -6.30 8.82
C LEU D 241 -45.19 -6.02 7.46
N VAL D 242 -44.83 -4.87 6.90
CA VAL D 242 -45.36 -4.45 5.59
C VAL D 242 -44.97 -5.45 4.51
N ALA D 243 -43.92 -6.22 4.78
CA ALA D 243 -43.44 -7.22 3.85
C ALA D 243 -44.08 -8.56 4.22
N ASP D 244 -44.29 -9.43 3.23
CA ASP D 244 -44.91 -10.73 3.47
C ASP D 244 -43.88 -11.67 4.14
N LYS D 245 -42.85 -11.07 4.74
CA LYS D 245 -41.77 -11.81 5.40
C LYS D 245 -42.26 -12.87 6.40
N THR D 246 -41.37 -13.82 6.66
CA THR D 246 -41.63 -14.93 7.55
C THR D 246 -41.00 -14.67 8.92
N THR D 247 -41.83 -14.41 9.91
CA THR D 247 -41.35 -14.15 11.26
C THR D 247 -42.26 -14.87 12.24
N TYR D 248 -41.95 -14.75 13.52
CA TYR D 248 -42.75 -15.40 14.55
C TYR D 248 -43.92 -14.50 14.94
N PRO D 249 -43.69 -13.18 15.05
CA PRO D 249 -44.80 -12.29 15.42
C PRO D 249 -45.94 -12.40 14.39
N LYS D 250 -45.64 -13.09 13.30
CA LYS D 250 -46.58 -13.31 12.21
C LYS D 250 -47.46 -14.53 12.47
N LEU D 251 -46.84 -15.71 12.47
CA LEU D 251 -47.50 -17.00 12.68
C LEU D 251 -48.18 -17.20 14.06
N ILE D 252 -47.69 -16.55 15.11
CA ILE D 252 -48.28 -16.74 16.44
C ILE D 252 -48.53 -15.46 17.24
N GLY D 253 -48.08 -14.33 16.70
CA GLY D 253 -48.30 -13.08 17.39
C GLY D 253 -47.24 -12.80 18.43
N VAL D 254 -47.11 -11.54 18.80
CA VAL D 254 -46.12 -11.12 19.77
C VAL D 254 -46.06 -11.97 21.02
N GLU D 255 -47.16 -11.97 21.78
CA GLU D 255 -47.23 -12.72 23.02
C GLU D 255 -46.80 -14.18 22.93
N LYS D 256 -47.34 -14.91 21.97
CA LYS D 256 -46.96 -16.31 21.85
C LYS D 256 -45.48 -16.45 21.48
N SER D 257 -44.90 -15.36 20.96
CA SER D 257 -43.49 -15.31 20.59
C SER D 257 -42.64 -15.12 21.85
N LYS D 258 -43.14 -14.28 22.74
CA LYS D 258 -42.49 -13.97 24.01
C LYS D 258 -42.36 -15.27 24.78
N GLU D 259 -43.47 -15.98 24.99
CA GLU D 259 -43.45 -17.25 25.73
C GLU D 259 -42.43 -18.18 25.07
N PHE D 260 -42.42 -18.20 23.74
CA PHE D 260 -41.52 -19.06 23.00
C PHE D 260 -40.07 -18.73 23.32
N ALA D 261 -39.76 -17.45 23.35
CA ALA D 261 -38.40 -17.02 23.66
C ALA D 261 -38.03 -17.51 25.07
N ASP D 262 -38.98 -17.39 26.00
CA ASP D 262 -38.74 -17.83 27.36
C ASP D 262 -38.32 -19.28 27.38
N ARG D 263 -39.07 -20.14 26.69
CA ARG D 263 -38.74 -21.57 26.69
C ARG D 263 -37.36 -21.82 26.12
N LEU D 264 -37.04 -21.13 25.02
CA LEU D 264 -35.75 -21.30 24.36
C LEU D 264 -34.64 -20.96 25.34
N ASN D 265 -34.79 -19.81 26.00
CA ASN D 265 -33.78 -19.39 26.94
C ASN D 265 -33.64 -20.51 27.97
N ARG D 266 -34.77 -20.91 28.52
CA ARG D 266 -34.80 -21.96 29.54
C ARG D 266 -34.03 -23.14 29.01
N GLU D 267 -34.44 -23.62 27.84
CA GLU D 267 -33.79 -24.78 27.26
C GLU D 267 -32.28 -24.59 27.02
N ALA D 268 -31.87 -23.37 26.72
CA ALA D 268 -30.45 -23.11 26.47
C ALA D 268 -29.67 -23.26 27.79
N GLN D 269 -30.14 -22.55 28.81
CA GLN D 269 -29.51 -22.60 30.11
C GLN D 269 -29.50 -24.01 30.69
N GLU D 270 -30.36 -24.88 30.18
CA GLU D 270 -30.40 -26.25 30.67
C GLU D 270 -29.23 -27.03 30.16
N GLN D 271 -28.77 -26.73 28.95
CA GLN D 271 -27.62 -27.39 28.35
C GLN D 271 -26.36 -26.98 29.15
N LEU D 272 -26.46 -25.81 29.78
CA LEU D 272 -25.34 -25.27 30.55
C LEU D 272 -25.11 -26.01 31.86
N LEU D 273 -26.09 -26.81 32.27
CA LEU D 273 -25.93 -27.60 33.50
C LEU D 273 -24.81 -28.59 33.33
N HIS D 274 -24.27 -28.65 32.12
CA HIS D 274 -23.20 -29.60 31.91
C HIS D 274 -21.98 -29.07 32.66
N PHE D 275 -21.88 -27.75 32.77
CA PHE D 275 -20.71 -27.17 33.38
C PHE D 275 -20.90 -26.70 34.79
N HIS D 276 -19.78 -26.48 35.47
CA HIS D 276 -19.90 -25.97 36.83
C HIS D 276 -20.57 -24.58 36.77
N PRO D 277 -21.58 -24.33 37.61
CA PRO D 277 -22.28 -23.04 37.58
C PRO D 277 -21.47 -21.79 37.75
N HIS D 278 -20.36 -21.84 38.49
CA HIS D 278 -19.53 -20.64 38.61
C HIS D 278 -18.98 -20.26 37.21
N ARG D 279 -18.50 -21.27 36.49
CA ARG D 279 -17.94 -21.07 35.17
C ARG D 279 -18.98 -20.74 34.11
N ALA D 280 -20.19 -21.25 34.25
CA ALA D 280 -21.24 -21.01 33.25
C ALA D 280 -21.87 -19.65 33.38
N ALA D 281 -21.60 -19.00 34.49
CA ALA D 281 -22.21 -17.68 34.74
C ALA D 281 -22.18 -16.70 33.52
N PRO D 282 -21.02 -16.53 32.87
CA PRO D 282 -21.01 -15.62 31.75
C PRO D 282 -21.95 -16.02 30.65
N LEU D 283 -21.88 -17.28 30.22
CA LEU D 283 -22.79 -17.67 29.14
C LEU D 283 -24.21 -17.62 29.59
N ILE D 284 -24.47 -17.87 30.86
CA ILE D 284 -25.85 -17.80 31.33
C ILE D 284 -26.33 -16.36 31.18
N ALA D 285 -25.45 -15.43 31.52
CA ALA D 285 -25.71 -14.00 31.49
C ALA D 285 -25.92 -13.55 30.02
N LEU D 286 -24.99 -13.91 29.13
CA LEU D 286 -25.15 -13.56 27.70
C LEU D 286 -26.50 -14.06 27.14
N ALA D 287 -26.95 -15.22 27.66
CA ALA D 287 -28.19 -15.89 27.24
C ALA D 287 -29.40 -15.02 27.64
N ASN D 288 -29.38 -14.54 28.87
CA ASN D 288 -30.46 -13.69 29.34
C ASN D 288 -30.43 -12.36 28.59
N TYR D 289 -29.22 -11.85 28.38
CA TYR D 289 -29.05 -10.61 27.67
C TYR D 289 -29.73 -10.75 26.30
N ILE D 290 -29.44 -11.86 25.61
CA ILE D 290 -30.03 -12.10 24.30
C ILE D 290 -31.56 -12.13 24.36
N ALA D 291 -32.10 -12.64 25.47
CA ALA D 291 -33.53 -12.70 25.71
C ALA D 291 -34.11 -11.33 26.10
N TYR D 292 -33.42 -10.60 26.96
CA TYR D 292 -34.02 -9.36 27.44
C TYR D 292 -33.47 -8.05 26.98
N ARG D 293 -32.60 -8.07 25.98
CA ARG D 293 -32.04 -6.82 25.50
C ARG D 293 -33.16 -5.97 24.91
N ASP D 294 -32.88 -4.67 24.80
CA ASP D 294 -33.79 -3.68 24.22
C ASP D 294 -33.53 -3.31 22.76
N ASN D 295 -32.38 -3.75 22.25
CA ASN D 295 -31.97 -3.47 20.89
C ASN D 295 -30.91 -4.51 20.43
C1 IPE E . 22.62 15.93 -22.87
O1 IPE E . 21.89 14.69 -22.70
C2 IPE E . 24.10 15.95 -22.52
C3 IPE E . 25.09 15.29 -23.17
C4 IPE E . 24.90 14.38 -24.42
C5 IPE E . 26.47 15.48 -22.62
PA IPE E . 20.32 14.47 -23.24
O1A IPE E . 19.33 15.26 -22.28
O2A IPE E . 20.50 14.85 -24.75
O3A IPE E . 19.61 13.09 -23.21
PB IPE E . 18.19 12.95 -23.83
O1B IPE E . 17.75 13.95 -24.91
O2B IPE E . 17.21 12.97 -22.66
O3B IPE E . 17.94 11.62 -24.66
O11 PPV F . 17.10 25.51 -20.86
P1 PPV F . 16.11 24.28 -20.66
O21 PPV F . 14.76 24.79 -20.11
O31 PPV F . 16.72 23.27 -19.66
OPP PPV F . 15.90 23.56 -22.11
P2 PPV F . 14.82 22.35 -22.01
O12 PPV F . 13.49 22.92 -21.45
O22 PPV F . 15.42 21.21 -21.10
O32 PPV F . 14.49 21.75 -23.47
MG MG G . 14.58 26.04 -18.40
MG MG H . 11.99 23.88 -20.31
C1 EDO I . -11.34 -22.85 -13.26
O1 EDO I . -10.87 -21.47 -13.10
C2 EDO I . -10.13 -23.72 -13.62
O2 EDO I . -9.20 -22.96 -14.43
C1 IPE J . -28.71 -8.23 13.42
O1 IPE J . -27.88 -8.57 14.57
C2 IPE J . -28.89 -9.52 12.62
C3 IPE J . -29.72 -10.52 12.96
C4 IPE J . -30.67 -10.55 14.17
C5 IPE J . -29.72 -11.71 12.10
PA IPE J . -27.54 -7.61 15.85
O1A IPE J . -28.87 -7.38 16.62
O2A IPE J . -26.44 -8.47 16.60
O3A IPE J . -27.11 -6.18 15.62
PB IPE J . -25.73 -5.62 16.04
O1B IPE J . -24.51 -6.44 15.63
O2B IPE J . -25.78 -5.38 17.48
O3B IPE J . -25.41 -4.26 15.40
O4 DST K . -31.86 -6.07 8.97
P1 DST K . -32.21 -6.82 10.20
O6 DST K . -31.16 -6.64 11.24
O5 DST K . -33.42 -5.94 10.64
O2 DST K . -32.56 -8.30 10.21
P3 DST K . -32.96 -9.16 8.98
O8 DST K . -32.88 -8.13 7.78
O7 DST K . -34.19 -9.99 9.33
S9 DST K . -31.54 -10.59 8.87
C10 DST K . -30.06 -9.48 8.88
C11 DST K . -28.89 -9.87 8.01
C12 DST K . -28.23 -11.03 8.04
C13 DST K . -28.52 -12.21 8.97
C14 DST K . -27.13 -11.17 7.06
MG MG L . -32.81 -9.25 5.52
MG MG M . -32.56 -6.15 7.16
#